data_9NZI
#
_entry.id   9NZI
#
_cell.length_a   96.627
_cell.length_b   71.141
_cell.length_c   101.748
_cell.angle_alpha   90.000
_cell.angle_beta   118.656
_cell.angle_gamma   90.000
#
_symmetry.space_group_name_H-M   'P 1 21 1'
#
loop_
_entity.id
_entity.type
_entity.pdbx_description
1 polymer 'Non-POU domain-containing octamer-binding protein'
2 non-polymer (2R)-4-(chloroacetyl)-1-(4-methoxybenzene-1-sulfonyl)-N-[(4-methoxyphenyl)methyl]piperazine-2-carboxamide
3 non-polymer 'POTASSIUM ION'
4 water water
#
_entity_poly.entity_id   1
_entity_poly.type   'polypeptide(L)'
_entity_poly.pdbx_seq_one_letter_code
;GEGLTIDLKNFRKPGEKTFTQRSRLFVGNLPPDITEEEMRKLFEKYGKAGEVFIHKDKGFGFIRLETRTLAEIAKVELDN
MPLRGKQLRVRFACHSASLTVRNLPQYVSNELLEEAFSVFGQVERAVVIVDDRGRPSGKGIVEFSGKPAARKALDRCSEG
SFLLTTFPRPVTVEPMDQLDDEEGLPEKLVIKNQQFHKEREQPPRFAQPGSFEYEYAMRWKALIEMEKQQQDQVDRNIKE
AREKLEMEMEAARHEHQVMLM
;
_entity_poly.pdbx_strand_id   A,B,C,D
#
# COMPACT_ATOMS: atom_id res chain seq x y z
N ILE A 6 -6.63 -14.44 30.51
CA ILE A 6 -6.23 -13.60 29.38
C ILE A 6 -5.66 -14.48 28.28
N ASP A 7 -6.38 -14.59 27.17
CA ASP A 7 -5.98 -15.42 26.06
C ASP A 7 -6.06 -14.63 24.76
N LEU A 8 -5.24 -15.04 23.80
CA LEU A 8 -5.16 -14.39 22.49
C LEU A 8 -4.82 -15.44 21.45
N LYS A 9 -4.69 -14.99 20.20
CA LYS A 9 -4.33 -15.89 19.10
C LYS A 9 -3.81 -15.11 17.91
N ASN A 10 -4.72 -14.47 17.15
CA ASN A 10 -4.33 -13.70 15.98
C ASN A 10 -3.62 -12.41 16.40
N PHE A 11 -2.38 -12.53 16.85
CA PHE A 11 -1.58 -11.41 17.32
C PHE A 11 -0.71 -10.83 16.21
N ARG A 12 -1.26 -10.69 15.01
CA ARG A 12 -0.49 -10.32 13.83
C ARG A 12 -1.17 -9.18 13.09
N LYS A 13 -0.36 -8.40 12.38
CA LYS A 13 -0.85 -7.40 11.43
C LYS A 13 -0.35 -7.81 10.06
N PRO A 14 -1.21 -8.28 9.16
CA PRO A 14 -0.72 -8.90 7.91
C PRO A 14 0.06 -7.97 7.00
N GLY A 15 -0.05 -6.65 7.18
CA GLY A 15 0.60 -5.73 6.28
C GLY A 15 2.10 -5.65 6.44
N GLU A 16 2.60 -5.85 7.66
CA GLU A 16 4.00 -5.66 7.97
C GLU A 16 4.71 -7.00 8.14
N LYS A 17 6.01 -7.00 7.87
CA LYS A 17 6.81 -8.21 7.89
C LYS A 17 6.95 -8.74 9.32
N THR A 18 7.38 -10.00 9.41
CA THR A 18 7.63 -10.66 10.68
C THR A 18 9.11 -10.97 10.83
N PHE A 19 9.51 -11.21 12.08
CA PHE A 19 10.89 -11.56 12.43
C PHE A 19 11.88 -10.49 11.97
N THR A 20 11.51 -9.22 12.17
CA THR A 20 12.41 -8.11 11.90
C THR A 20 13.28 -7.84 13.11
N GLN A 21 14.21 -6.89 12.98
CA GLN A 21 15.07 -6.54 14.09
C GLN A 21 14.30 -5.96 15.27
N ARG A 22 13.12 -5.38 15.02
CA ARG A 22 12.33 -4.81 16.11
C ARG A 22 11.78 -5.89 17.04
N SER A 23 11.74 -7.14 16.61
CA SER A 23 11.26 -8.24 17.44
C SER A 23 12.40 -9.13 17.93
N ARG A 24 13.62 -8.60 17.96
CA ARG A 24 14.77 -9.34 18.47
C ARG A 24 15.06 -8.89 19.90
N LEU A 25 15.10 -9.84 20.82
CA LEU A 25 15.28 -9.57 22.24
C LEU A 25 16.67 -9.99 22.68
N PHE A 26 17.27 -9.18 23.55
CA PHE A 26 18.50 -9.55 24.24
C PHE A 26 18.13 -10.23 25.56
N VAL A 27 18.79 -11.34 25.85
CA VAL A 27 18.55 -12.12 27.06
C VAL A 27 19.88 -12.30 27.78
N GLY A 28 20.04 -11.61 28.92
CA GLY A 28 21.24 -11.69 29.71
C GLY A 28 21.03 -12.45 31.01
N ASN A 29 22.14 -12.58 31.75
CA ASN A 29 22.16 -13.31 33.02
C ASN A 29 21.65 -14.75 32.85
N LEU A 30 22.06 -15.38 31.76
CA LEU A 30 21.67 -16.76 31.49
C LEU A 30 22.49 -17.71 32.35
N PRO A 31 21.96 -18.91 32.62
CA PRO A 31 22.72 -19.91 33.35
C PRO A 31 23.97 -20.32 32.57
N PRO A 32 24.97 -20.89 33.25
CA PRO A 32 26.23 -21.21 32.55
C PRO A 32 26.06 -22.21 31.41
N ASP A 33 25.21 -23.21 31.57
CA ASP A 33 25.03 -24.27 30.59
C ASP A 33 23.71 -24.13 29.83
N ILE A 34 23.38 -22.92 29.42
CA ILE A 34 22.13 -22.68 28.70
C ILE A 34 22.27 -23.24 27.28
N THR A 35 21.26 -24.01 26.86
CA THR A 35 21.24 -24.60 25.53
C THR A 35 20.29 -23.82 24.62
N GLU A 36 20.49 -24.01 23.31
CA GLU A 36 19.62 -23.34 22.34
C GLU A 36 18.20 -23.86 22.41
N GLU A 37 18.02 -25.15 22.73
CA GLU A 37 16.68 -25.70 22.86
C GLU A 37 15.97 -25.17 24.11
N GLU A 38 16.68 -25.09 25.23
CA GLU A 38 16.10 -24.53 26.44
C GLU A 38 15.71 -23.08 26.24
N MET A 39 16.56 -22.31 25.54
CA MET A 39 16.24 -20.92 25.24
C MET A 39 14.96 -20.80 24.43
N ARG A 40 14.78 -21.66 23.42
CA ARG A 40 13.56 -21.62 22.62
C ARG A 40 12.36 -22.07 23.45
N LYS A 41 12.55 -23.06 24.32
CA LYS A 41 11.46 -23.52 25.16
C LYS A 41 11.01 -22.47 26.17
N LEU A 42 11.90 -21.53 26.52
CA LEU A 42 11.48 -20.41 27.37
C LEU A 42 10.57 -19.45 26.63
N PHE A 43 10.67 -19.39 25.31
CA PHE A 43 9.87 -18.50 24.48
C PHE A 43 8.90 -19.24 23.58
N GLU A 44 8.72 -20.55 23.79
CA GLU A 44 7.88 -21.34 22.90
C GLU A 44 6.41 -20.96 22.98
N LYS A 45 5.97 -20.35 24.08
CA LYS A 45 4.58 -19.92 24.19
C LYS A 45 4.24 -18.76 23.27
N TYR A 46 5.25 -18.09 22.71
CA TYR A 46 5.05 -17.00 21.76
C TYR A 46 5.15 -17.46 20.32
N GLY A 47 4.84 -18.73 20.07
CA GLY A 47 5.01 -19.29 18.73
C GLY A 47 6.45 -19.63 18.43
N LYS A 48 6.68 -20.02 17.19
CA LYS A 48 8.03 -20.36 16.76
C LYS A 48 8.90 -19.10 16.72
N ALA A 49 10.16 -19.27 17.09
CA ALA A 49 11.12 -18.18 17.11
C ALA A 49 12.02 -18.23 15.87
N GLY A 50 12.52 -17.07 15.48
CA GLY A 50 13.41 -16.97 14.34
C GLY A 50 14.85 -17.28 14.68
N GLU A 51 15.73 -16.32 14.43
CA GLU A 51 17.15 -16.51 14.71
C GLU A 51 17.40 -16.50 16.21
N VAL A 52 18.13 -17.51 16.69
CA VAL A 52 18.50 -17.63 18.10
C VAL A 52 20.01 -17.86 18.16
N PHE A 53 20.71 -16.98 18.88
CA PHE A 53 22.13 -17.12 19.12
C PHE A 53 22.38 -17.15 20.63
N ILE A 54 23.34 -17.99 21.05
CA ILE A 54 23.68 -18.13 22.46
C ILE A 54 25.19 -18.18 22.58
N HIS A 55 25.77 -17.20 23.27
CA HIS A 55 27.18 -17.24 23.66
C HIS A 55 27.23 -17.82 25.06
N LYS A 56 27.49 -19.14 25.13
CA LYS A 56 27.35 -19.87 26.39
C LYS A 56 28.37 -19.45 27.44
N ASP A 57 29.47 -18.80 27.03
CA ASP A 57 30.47 -18.39 28.01
C ASP A 57 30.04 -17.13 28.74
N LYS A 58 29.75 -16.05 28.01
CA LYS A 58 29.37 -14.79 28.63
C LYS A 58 28.00 -14.85 29.31
N GLY A 59 27.15 -15.79 28.92
CA GLY A 59 25.84 -15.90 29.53
C GLY A 59 24.79 -14.97 28.95
N PHE A 60 24.90 -14.62 27.68
CA PHE A 60 23.90 -13.81 27.00
C PHE A 60 23.43 -14.53 25.75
N GLY A 61 22.42 -13.95 25.11
CA GLY A 61 21.88 -14.54 23.89
C GLY A 61 20.93 -13.60 23.21
N PHE A 62 20.56 -13.96 21.98
CA PHE A 62 19.60 -13.22 21.19
C PHE A 62 18.54 -14.16 20.67
N ILE A 63 17.29 -13.73 20.70
CA ILE A 63 16.18 -14.49 20.15
C ILE A 63 15.28 -13.53 19.36
N ARG A 64 14.78 -14.01 18.24
CA ARG A 64 13.99 -13.20 17.31
C ARG A 64 12.58 -13.75 17.25
N LEU A 65 11.62 -13.02 17.82
CA LEU A 65 10.24 -13.45 17.83
C LEU A 65 9.53 -12.95 16.57
N GLU A 66 8.25 -13.31 16.44
CA GLU A 66 7.54 -13.08 15.18
C GLU A 66 7.21 -11.60 15.00
N THR A 67 6.54 -11.00 15.97
CA THR A 67 6.10 -9.61 15.87
C THR A 67 6.66 -8.79 17.03
N ARG A 68 6.58 -7.47 16.87
CA ARG A 68 7.07 -6.55 17.89
C ARG A 68 6.27 -6.67 19.17
N THR A 69 4.95 -6.75 19.07
CA THR A 69 4.11 -6.82 20.25
C THR A 69 4.27 -8.14 20.99
N LEU A 70 4.56 -9.23 20.26
CA LEU A 70 4.88 -10.49 20.92
C LEU A 70 6.14 -10.38 21.77
N ALA A 71 7.11 -9.59 21.32
CA ALA A 71 8.35 -9.44 22.08
C ALA A 71 8.13 -8.57 23.32
N GLU A 72 7.27 -7.56 23.21
CA GLU A 72 6.98 -6.72 24.37
C GLU A 72 6.29 -7.52 25.47
N ILE A 73 5.49 -8.52 25.09
CA ILE A 73 4.91 -9.41 26.09
C ILE A 73 5.99 -10.29 26.70
N ALA A 74 6.94 -10.77 25.88
CA ALA A 74 8.00 -11.62 26.39
C ALA A 74 8.96 -10.85 27.28
N LYS A 75 9.14 -9.55 27.02
CA LYS A 75 10.05 -8.75 27.83
C LYS A 75 9.53 -8.60 29.25
N VAL A 76 8.32 -8.04 29.40
CA VAL A 76 7.78 -7.78 30.72
C VAL A 76 7.47 -9.07 31.48
N GLU A 77 7.41 -10.21 30.80
CA GLU A 77 7.12 -11.47 31.46
C GLU A 77 8.39 -12.18 31.93
N LEU A 78 9.47 -12.09 31.16
CA LEU A 78 10.69 -12.82 31.49
C LEU A 78 11.79 -11.93 32.07
N ASP A 79 11.63 -10.62 32.05
CA ASP A 79 12.62 -9.74 32.67
C ASP A 79 12.62 -9.93 34.18
N ASN A 80 13.82 -9.97 34.75
CA ASN A 80 14.02 -10.15 36.19
C ASN A 80 13.45 -11.48 36.70
N MET A 81 13.24 -12.43 35.80
CA MET A 81 12.71 -13.73 36.21
C MET A 81 13.85 -14.63 36.69
N PRO A 82 13.70 -15.29 37.85
CA PRO A 82 14.77 -16.17 38.33
C PRO A 82 14.88 -17.43 37.48
N LEU A 83 16.11 -17.84 37.22
CA LEU A 83 16.38 -19.05 36.45
C LEU A 83 17.75 -19.58 36.87
N ARG A 84 17.74 -20.53 37.80
CA ARG A 84 18.95 -21.19 38.29
C ARG A 84 19.96 -20.17 38.84
N GLY A 85 19.50 -19.40 39.83
CA GLY A 85 20.37 -18.51 40.56
C GLY A 85 20.68 -17.18 39.91
N LYS A 86 20.00 -16.85 38.81
CA LYS A 86 20.24 -15.60 38.10
C LYS A 86 18.93 -14.91 37.78
N GLN A 87 18.95 -13.59 37.82
CA GLN A 87 17.80 -12.76 37.43
C GLN A 87 17.95 -12.39 35.96
N LEU A 88 17.14 -13.01 35.10
CA LEU A 88 17.27 -12.79 33.67
C LEU A 88 17.05 -11.32 33.31
N ARG A 89 17.90 -10.81 32.43
CA ARG A 89 17.78 -9.45 31.91
C ARG A 89 17.31 -9.56 30.46
N VAL A 90 16.08 -9.11 30.21
CA VAL A 90 15.48 -9.17 28.88
C VAL A 90 15.22 -7.73 28.44
N ARG A 91 15.95 -7.29 27.42
CA ARG A 91 15.80 -5.97 26.83
C ARG A 91 15.59 -6.09 25.33
N PHE A 92 15.16 -4.99 24.72
CA PHE A 92 15.07 -4.93 23.27
C PHE A 92 16.43 -4.58 22.69
N ALA A 93 16.90 -5.39 21.75
CA ALA A 93 18.16 -5.12 21.08
C ALA A 93 18.05 -3.84 20.27
N CYS A 94 19.18 -3.15 20.10
CA CYS A 94 19.19 -1.93 19.28
C CYS A 94 19.10 -2.36 17.76
N HIS A 95 18.64 -1.46 16.90
CA HIS A 95 18.59 -1.76 15.47
C HIS A 95 19.96 -1.53 14.85
N SER A 96 20.44 -2.51 14.09
CA SER A 96 21.78 -2.48 13.53
C SER A 96 21.87 -1.76 12.19
N ALA A 97 20.73 -1.49 11.54
CA ALA A 97 20.72 -0.89 10.21
C ALA A 97 19.58 0.12 10.11
N SER A 98 19.67 1.18 10.93
CA SER A 98 18.67 2.23 10.94
C SER A 98 19.32 3.54 10.51
N LEU A 99 18.57 4.34 9.75
CA LEU A 99 19.06 5.58 9.20
C LEU A 99 18.09 6.71 9.51
N THR A 100 18.64 7.90 9.71
CA THR A 100 17.85 9.11 9.91
C THR A 100 17.84 9.90 8.61
N VAL A 101 16.65 10.22 8.12
CA VAL A 101 16.48 10.97 6.88
C VAL A 101 15.94 12.35 7.23
N ARG A 102 16.64 13.38 6.74
CA ARG A 102 16.27 14.77 7.01
C ARG A 102 16.08 15.50 5.68
N ASN A 103 15.55 16.73 5.79
CA ASN A 103 15.27 17.56 4.63
C ASN A 103 14.31 16.88 3.67
N LEU A 104 13.30 16.20 4.22
CA LEU A 104 12.31 15.54 3.39
C LEU A 104 11.46 16.58 2.66
N PRO A 105 11.17 16.37 1.38
CA PRO A 105 10.27 17.28 0.67
C PRO A 105 8.82 17.08 1.10
N GLN A 106 7.90 17.84 0.52
CA GLN A 106 6.50 17.69 0.87
C GLN A 106 5.88 16.52 0.11
N TYR A 107 4.72 16.08 0.61
CA TYR A 107 3.96 14.98 0.01
C TYR A 107 4.77 13.69 -0.01
N VAL A 108 5.50 13.43 1.08
CA VAL A 108 6.25 12.20 1.26
C VAL A 108 5.56 11.38 2.35
N SER A 109 5.25 10.13 2.04
CA SER A 109 4.56 9.24 2.95
C SER A 109 5.48 8.11 3.39
N ASN A 110 4.98 7.26 4.29
CA ASN A 110 5.76 6.11 4.72
C ASN A 110 6.00 5.14 3.55
N GLU A 111 4.99 4.95 2.70
CA GLU A 111 5.12 4.03 1.57
C GLU A 111 6.10 4.57 0.54
N LEU A 112 6.04 5.87 0.25
CA LEU A 112 6.98 6.46 -0.70
C LEU A 112 8.41 6.40 -0.15
N LEU A 113 8.57 6.68 1.15
CA LEU A 113 9.89 6.59 1.76
C LEU A 113 10.40 5.16 1.75
N GLU A 114 9.51 4.19 1.97
CA GLU A 114 9.91 2.78 1.89
C GLU A 114 10.23 2.38 0.46
N GLU A 115 9.42 2.84 -0.50
CA GLU A 115 9.67 2.53 -1.90
C GLU A 115 10.96 3.19 -2.38
N ALA A 116 11.25 4.40 -1.91
CA ALA A 116 12.43 5.12 -2.36
C ALA A 116 13.71 4.40 -1.93
N PHE A 117 13.85 4.12 -0.63
CA PHE A 117 15.07 3.53 -0.12
C PHE A 117 15.15 2.02 -0.35
N SER A 118 14.10 1.41 -0.90
CA SER A 118 14.16 -0.01 -1.22
C SER A 118 15.14 -0.32 -2.36
N VAL A 119 15.61 0.70 -3.08
CA VAL A 119 16.57 0.47 -4.16
C VAL A 119 17.95 0.12 -3.61
N PHE A 120 18.21 0.39 -2.34
CA PHE A 120 19.47 0.05 -1.72
C PHE A 120 19.46 -1.31 -1.05
N GLY A 121 18.29 -1.91 -0.87
CA GLY A 121 18.19 -3.19 -0.20
C GLY A 121 16.82 -3.35 0.42
N GLN A 122 16.61 -4.51 1.02
CA GLN A 122 15.33 -4.82 1.66
C GLN A 122 15.10 -3.91 2.85
N VAL A 123 13.90 -3.34 2.93
CA VAL A 123 13.52 -2.40 3.98
C VAL A 123 12.51 -3.07 4.90
N GLU A 124 12.76 -2.98 6.20
CA GLU A 124 11.82 -3.51 7.18
C GLU A 124 10.73 -2.51 7.54
N ARG A 125 11.09 -1.24 7.68
CA ARG A 125 10.14 -0.22 8.10
C ARG A 125 10.63 1.15 7.64
N ALA A 126 9.67 2.03 7.36
CA ALA A 126 9.99 3.40 6.97
C ALA A 126 8.89 4.31 7.51
N VAL A 127 9.29 5.33 8.26
CA VAL A 127 8.35 6.21 8.94
C VAL A 127 8.68 7.66 8.60
N VAL A 128 7.66 8.45 8.34
CA VAL A 128 7.78 9.90 8.20
C VAL A 128 7.32 10.51 9.52
N ILE A 129 8.26 11.01 10.32
CA ILE A 129 7.94 11.46 11.66
C ILE A 129 6.97 12.63 11.59
N VAL A 130 5.89 12.54 12.37
CA VAL A 130 4.79 13.48 12.33
C VAL A 130 4.56 14.05 13.72
N ASP A 131 4.24 15.34 13.79
CA ASP A 131 4.04 16.02 15.07
C ASP A 131 2.72 15.63 15.72
N ASP A 132 2.25 16.45 16.66
CA ASP A 132 1.01 16.17 17.37
C ASP A 132 -0.24 16.55 16.57
N ARG A 133 -0.09 17.30 15.49
CA ARG A 133 -1.24 17.75 14.69
C ARG A 133 -1.36 17.03 13.35
N GLY A 134 -0.41 16.15 13.02
CA GLY A 134 -0.50 15.33 11.83
C GLY A 134 0.44 15.72 10.72
N ARG A 135 1.03 16.93 10.76
CA ARG A 135 1.90 17.36 9.67
C ARG A 135 3.32 16.83 9.87
N PRO A 136 4.02 16.52 8.78
CA PRO A 136 5.38 15.99 8.91
C PRO A 136 6.34 17.03 9.48
N SER A 137 7.39 16.52 10.13
CA SER A 137 8.41 17.35 10.74
C SER A 137 9.65 17.50 9.86
N GLY A 138 9.65 16.92 8.66
CA GLY A 138 10.81 16.95 7.79
C GLY A 138 11.79 15.83 8.02
N LYS A 139 11.69 15.10 9.12
CA LYS A 139 12.59 13.99 9.44
C LYS A 139 11.87 12.67 9.27
N GLY A 140 12.67 11.60 9.13
CA GLY A 140 12.11 10.28 8.95
C GLY A 140 13.09 9.20 9.38
N ILE A 141 12.59 7.96 9.39
CA ILE A 141 13.34 6.80 9.81
C ILE A 141 13.23 5.74 8.72
N VAL A 142 14.36 5.11 8.38
CA VAL A 142 14.41 4.01 7.44
C VAL A 142 15.20 2.87 8.07
N GLU A 143 14.56 1.72 8.27
CA GLU A 143 15.19 0.56 8.88
C GLU A 143 15.34 -0.54 7.84
N PHE A 144 16.58 -0.96 7.61
CA PHE A 144 16.89 -2.03 6.69
C PHE A 144 17.04 -3.35 7.43
N SER A 145 16.86 -4.45 6.69
CA SER A 145 17.01 -5.77 7.29
C SER A 145 18.45 -6.06 7.68
N GLY A 146 19.42 -5.52 6.94
CA GLY A 146 20.82 -5.82 7.17
C GLY A 146 21.68 -4.59 7.05
N LYS A 147 22.88 -4.70 7.62
CA LYS A 147 23.84 -3.59 7.56
C LYS A 147 24.28 -3.21 6.15
N PRO A 148 24.54 -4.14 5.22
CA PRO A 148 25.01 -3.70 3.89
C PRO A 148 24.04 -2.78 3.17
N ALA A 149 22.73 -3.03 3.27
CA ALA A 149 21.77 -2.13 2.65
C ALA A 149 21.82 -0.74 3.27
N ALA A 150 22.06 -0.66 4.59
CA ALA A 150 22.18 0.64 5.24
C ALA A 150 23.48 1.33 4.88
N ARG A 151 24.56 0.58 4.68
CA ARG A 151 25.82 1.19 4.26
C ARG A 151 25.73 1.73 2.84
N LYS A 152 25.05 1.02 1.96
CA LYS A 152 24.91 1.49 0.58
C LYS A 152 24.05 2.74 0.49
N ALA A 153 22.95 2.77 1.25
CA ALA A 153 22.08 3.94 1.23
C ALA A 153 22.75 5.16 1.83
N LEU A 154 23.62 4.95 2.83
CA LEU A 154 24.31 6.08 3.45
C LEU A 154 25.40 6.63 2.54
N ASP A 155 26.07 5.77 1.77
CA ASP A 155 27.15 6.22 0.89
C ASP A 155 26.61 6.94 -0.34
N ARG A 156 25.63 6.34 -1.01
CA ARG A 156 25.14 6.92 -2.26
C ARG A 156 24.40 8.23 -2.03
N CYS A 157 23.67 8.34 -0.93
CA CYS A 157 22.90 9.55 -0.66
C CYS A 157 23.78 10.70 -0.19
N SER A 158 24.99 10.43 0.28
CA SER A 158 25.93 11.49 0.63
C SER A 158 26.74 11.95 -0.57
N GLU A 159 27.09 11.02 -1.47
CA GLU A 159 27.81 11.37 -2.68
C GLU A 159 26.88 12.04 -3.70
N GLY A 160 25.89 11.29 -4.18
CA GLY A 160 24.93 11.83 -5.12
C GLY A 160 23.75 12.49 -4.41
N SER A 161 22.89 13.10 -5.22
CA SER A 161 21.70 13.78 -4.72
C SER A 161 20.50 12.86 -4.91
N PHE A 162 19.94 12.38 -3.80
CA PHE A 162 18.81 11.47 -3.82
C PHE A 162 17.53 12.29 -3.72
N LEU A 163 16.73 12.29 -4.78
CA LEU A 163 15.49 13.06 -4.86
C LEU A 163 14.31 12.11 -4.75
N LEU A 164 13.36 12.46 -3.88
CA LEU A 164 12.18 11.62 -3.66
C LEU A 164 11.00 12.05 -4.52
N THR A 165 10.81 13.35 -4.71
CA THR A 165 9.72 13.89 -5.52
C THR A 165 10.30 14.73 -6.66
N THR A 166 9.43 15.48 -7.33
CA THR A 166 9.88 16.38 -8.38
C THR A 166 10.67 17.55 -7.83
N PHE A 167 10.45 17.92 -6.58
CA PHE A 167 11.19 19.00 -5.95
C PHE A 167 12.66 18.62 -5.85
N PRO A 168 13.57 19.31 -6.55
CA PRO A 168 14.97 18.86 -6.60
C PRO A 168 15.79 19.32 -5.39
N ARG A 169 15.34 18.93 -4.20
CA ARG A 169 16.11 19.11 -2.98
C ARG A 169 16.52 17.74 -2.46
N PRO A 170 17.82 17.44 -2.40
CA PRO A 170 18.24 16.10 -1.97
C PRO A 170 18.02 15.89 -0.49
N VAL A 171 17.60 14.67 -0.13
CA VAL A 171 17.42 14.32 1.27
C VAL A 171 18.77 14.02 1.90
N THR A 172 18.86 14.26 3.20
CA THR A 172 20.07 13.99 3.97
C THR A 172 19.90 12.69 4.75
N VAL A 173 20.82 11.76 4.56
CA VAL A 173 20.79 10.46 5.21
C VAL A 173 21.96 10.38 6.19
N GLU A 174 21.70 9.90 7.40
CA GLU A 174 22.70 9.81 8.45
C GLU A 174 22.31 8.69 9.40
N PRO A 175 23.27 8.09 10.10
CA PRO A 175 22.92 7.02 11.05
C PRO A 175 21.99 7.51 12.14
N MET A 176 21.05 6.65 12.52
CA MET A 176 20.07 7.00 13.55
C MET A 176 20.75 7.16 14.90
N ASP A 177 20.62 8.34 15.49
CA ASP A 177 21.11 8.59 16.85
C ASP A 177 20.18 7.91 17.83
N GLN A 178 20.54 6.70 18.25
CA GLN A 178 19.68 5.87 19.09
C GLN A 178 19.74 6.36 20.54
N LEU A 179 18.59 6.78 21.07
CA LEU A 179 18.48 7.27 22.44
C LEU A 179 17.48 6.41 23.20
N ASP A 180 17.85 6.04 24.42
CA ASP A 180 17.00 5.23 25.30
C ASP A 180 16.26 6.16 26.25
N ASP A 181 14.96 6.37 25.99
CA ASP A 181 14.11 7.16 26.86
C ASP A 181 13.08 6.29 27.59
N GLU A 182 13.34 4.99 27.69
CA GLU A 182 12.46 4.06 28.39
C GLU A 182 13.08 3.52 29.66
N GLU A 183 14.26 2.88 29.56
CA GLU A 183 14.92 2.35 30.74
C GLU A 183 15.69 3.44 31.48
N GLY A 184 16.29 4.37 30.74
CA GLY A 184 16.95 5.50 31.36
C GLY A 184 18.21 5.10 32.10
N LEU A 185 18.39 5.69 33.28
CA LEU A 185 19.56 5.46 34.13
C LEU A 185 19.05 5.19 35.54
N PRO A 186 18.75 3.94 35.87
CA PRO A 186 18.27 3.62 37.21
C PRO A 186 19.34 3.86 38.27
N GLU A 187 18.88 3.96 39.52
CA GLU A 187 19.76 4.30 40.63
C GLU A 187 20.85 3.25 40.82
N LYS A 188 20.54 1.98 40.58
CA LYS A 188 21.53 0.92 40.79
C LYS A 188 22.65 0.96 39.76
N LEU A 189 22.45 1.63 38.63
CA LEU A 189 23.47 1.74 37.59
C LEU A 189 24.31 3.00 37.73
N VAL A 190 24.14 3.76 38.79
CA VAL A 190 24.90 4.99 39.00
C VAL A 190 26.22 4.65 39.68
N ILE A 191 27.30 5.26 39.19
CA ILE A 191 28.62 5.04 39.75
C ILE A 191 28.72 5.79 41.07
N LYS A 192 28.85 5.05 42.16
CA LYS A 192 28.90 5.63 43.51
C LYS A 192 30.35 5.89 43.89
N ASN A 193 30.91 6.97 43.36
CA ASN A 193 32.28 7.36 43.62
C ASN A 193 32.31 8.59 44.53
N GLN A 194 33.42 9.32 44.50
CA GLN A 194 33.56 10.49 45.36
C GLN A 194 32.89 11.72 44.74
N GLN A 195 33.02 11.91 43.43
CA GLN A 195 32.26 12.96 42.76
C GLN A 195 30.77 12.72 42.83
N PHE A 196 30.35 11.46 43.03
CA PHE A 196 28.94 11.16 43.26
C PHE A 196 28.45 11.80 44.56
N HIS A 197 29.14 11.49 45.67
CA HIS A 197 28.74 12.04 46.96
C HIS A 197 29.01 13.54 47.05
N LYS A 198 29.92 14.07 46.24
CA LYS A 198 30.10 15.52 46.19
C LYS A 198 28.86 16.22 45.66
N GLU A 199 28.24 15.66 44.62
CA GLU A 199 27.04 16.26 44.06
C GLU A 199 25.79 15.87 44.85
N ARG A 200 25.79 14.68 45.46
CA ARG A 200 24.64 14.22 46.22
C ARG A 200 24.58 14.78 47.64
N GLU A 201 25.54 15.61 48.04
CA GLU A 201 25.50 16.20 49.37
C GLU A 201 24.27 17.11 49.52
N GLN A 202 24.03 17.95 48.53
CA GLN A 202 22.87 18.84 48.57
C GLN A 202 21.68 18.16 47.91
N PRO A 203 20.53 18.12 48.58
CA PRO A 203 19.35 17.49 47.99
C PRO A 203 18.75 18.38 46.91
N PRO A 204 17.81 17.87 46.11
CA PRO A 204 17.11 18.74 45.16
C PRO A 204 16.41 19.89 45.88
N ARG A 205 16.63 21.11 45.39
CA ARG A 205 16.15 22.29 46.08
C ARG A 205 16.15 23.46 45.11
N PHE A 206 15.56 24.57 45.55
CA PHE A 206 15.66 25.85 44.86
C PHE A 206 16.75 26.71 45.51
N ALA A 207 17.50 27.41 44.69
CA ALA A 207 18.59 28.24 45.19
C ALA A 207 18.05 29.40 46.01
N GLN A 208 18.55 29.55 47.22
CA GLN A 208 18.12 30.65 48.10
C GLN A 208 18.66 31.97 47.58
N PRO A 209 17.82 32.96 47.32
CA PRO A 209 18.31 34.25 46.81
C PRO A 209 19.30 34.90 47.79
N GLY A 210 20.53 35.09 47.31
CA GLY A 210 21.59 35.69 48.09
C GLY A 210 22.81 34.80 48.23
N SER A 211 22.62 33.48 48.17
CA SER A 211 23.72 32.55 48.34
C SER A 211 24.59 32.50 47.10
N PHE A 212 25.72 31.79 47.23
CA PHE A 212 26.60 31.60 46.08
C PHE A 212 25.93 30.77 44.99
N GLU A 213 25.06 29.83 45.38
CA GLU A 213 24.36 29.02 44.39
C GLU A 213 23.41 29.86 43.54
N TYR A 214 22.71 30.82 44.16
CA TYR A 214 21.73 31.62 43.44
C TYR A 214 22.41 32.52 42.42
N GLU A 215 23.49 33.21 42.81
CA GLU A 215 24.19 34.09 41.88
C GLU A 215 24.83 33.29 40.75
N TYR A 216 25.42 32.14 41.07
CA TYR A 216 26.05 31.31 40.05
C TYR A 216 25.01 30.71 39.10
N ALA A 217 23.82 30.36 39.62
CA ALA A 217 22.78 29.78 38.79
C ALA A 217 22.12 30.85 37.91
N MET A 218 21.95 32.06 38.44
CA MET A 218 21.37 33.14 37.65
C MET A 218 22.27 33.51 36.48
N ARG A 219 23.58 33.33 36.62
CA ARG A 219 24.47 33.51 35.49
C ARG A 219 24.28 32.40 34.46
N TRP A 220 23.95 31.20 34.90
CA TRP A 220 23.65 30.12 33.96
C TRP A 220 22.34 30.38 33.22
N LYS A 221 21.33 30.87 33.93
CA LYS A 221 20.07 31.21 33.27
C LYS A 221 20.27 32.31 32.24
N ALA A 222 21.06 33.32 32.58
CA ALA A 222 21.41 34.36 31.61
C ALA A 222 22.22 33.79 30.46
N LEU A 223 23.08 32.80 30.74
CA LEU A 223 23.87 32.19 29.68
C LEU A 223 23.00 31.30 28.80
N ILE A 224 22.06 30.57 29.39
CA ILE A 224 21.15 29.74 28.60
C ILE A 224 20.28 30.62 27.71
N GLU A 225 19.79 31.75 28.27
CA GLU A 225 19.04 32.69 27.45
C GLU A 225 19.91 33.31 26.36
N MET A 226 21.21 33.47 26.64
CA MET A 226 22.13 33.91 25.61
C MET A 226 22.24 32.90 24.48
N GLU A 227 22.21 31.61 24.83
CA GLU A 227 22.27 30.57 23.81
C GLU A 227 21.01 30.54 22.96
N LYS A 228 19.85 30.81 23.56
CA LYS A 228 18.61 30.83 22.81
C LYS A 228 18.61 31.95 21.77
N GLN A 229 19.14 33.11 22.13
CA GLN A 229 19.19 34.22 21.19
C GLN A 229 20.15 33.94 20.04
N GLN A 230 21.22 33.18 20.30
CA GLN A 230 22.15 32.84 19.22
C GLN A 230 21.53 31.82 18.28
N GLN A 231 20.89 30.79 18.82
CA GLN A 231 20.33 29.74 17.97
C GLN A 231 19.15 30.26 17.15
N ASP A 232 18.26 31.03 17.77
CA ASP A 232 17.12 31.57 17.05
C ASP A 232 17.55 32.54 15.96
N GLN A 233 18.67 33.23 16.16
CA GLN A 233 19.20 34.10 15.10
C GLN A 233 19.67 33.27 13.90
N VAL A 234 20.29 32.12 14.16
CA VAL A 234 20.74 31.26 13.07
C VAL A 234 19.54 30.67 12.33
N ASP A 235 18.48 30.31 13.07
CA ASP A 235 17.30 29.72 12.44
C ASP A 235 16.67 30.68 11.44
N ARG A 236 16.62 31.97 11.77
CA ARG A 236 16.08 32.94 10.83
C ARG A 236 17.02 33.18 9.65
N ASN A 237 18.33 33.04 9.87
CA ASN A 237 19.28 33.16 8.77
C ASN A 237 19.17 31.97 7.82
N ILE A 238 18.88 30.78 8.35
CA ILE A 238 18.73 29.60 7.50
C ILE A 238 17.46 29.70 6.66
N LYS A 239 16.37 30.18 7.26
CA LYS A 239 15.12 30.29 6.52
C LYS A 239 15.24 31.28 5.36
N GLU A 240 15.88 32.43 5.59
CA GLU A 240 16.08 33.39 4.52
C GLU A 240 17.02 32.84 3.45
N ALA A 241 17.99 32.01 3.84
CA ALA A 241 18.89 31.43 2.85
C ALA A 241 18.19 30.36 2.03
N ARG A 242 17.33 29.56 2.65
CA ARG A 242 16.62 28.53 1.91
C ARG A 242 15.55 29.12 1.02
N GLU A 243 14.89 30.20 1.46
CA GLU A 243 13.95 30.89 0.61
C GLU A 243 14.63 31.59 -0.56
N LYS A 244 15.93 31.86 -0.45
CA LYS A 244 16.65 32.46 -1.57
C LYS A 244 16.87 31.46 -2.69
N LEU A 245 17.25 30.22 -2.34
CA LEU A 245 17.43 29.20 -3.36
C LEU A 245 16.10 28.75 -3.94
N GLU A 246 15.07 28.64 -3.10
CA GLU A 246 13.75 28.23 -3.56
C GLU A 246 13.04 29.32 -4.35
N MET A 247 13.56 30.56 -4.32
CA MET A 247 12.95 31.63 -5.09
C MET A 247 13.35 31.57 -6.56
N GLU A 248 14.63 31.35 -6.83
CA GLU A 248 15.17 31.34 -8.19
C GLU A 248 14.69 30.09 -8.92
N MET A 249 13.64 30.23 -9.71
CA MET A 249 13.07 29.13 -10.48
C MET A 249 12.73 27.92 -9.60
N ILE B 6 -0.68 -19.39 24.94
CA ILE B 6 -1.11 -18.02 24.66
C ILE B 6 -1.83 -17.44 25.87
N ASP B 7 -1.49 -17.94 27.05
CA ASP B 7 -2.13 -17.56 28.30
C ASP B 7 -1.22 -16.62 29.07
N LEU B 8 -1.79 -15.52 29.56
CA LEU B 8 -1.05 -14.53 30.33
C LEU B 8 -1.46 -14.59 31.79
N LYS B 9 -0.64 -13.98 32.65
CA LYS B 9 -0.92 -13.92 34.07
C LYS B 9 -0.72 -12.50 34.60
N ASN B 10 0.53 -12.06 34.67
CA ASN B 10 0.85 -10.73 35.15
C ASN B 10 1.08 -9.76 33.98
N GLU B 16 5.24 -1.14 40.79
CA GLU B 16 4.80 -0.50 39.56
C GLU B 16 3.53 0.32 39.79
N LYS B 17 3.43 1.45 39.09
CA LYS B 17 2.26 2.30 39.16
C LYS B 17 1.21 1.82 38.16
N THR B 18 -0.05 1.85 38.58
CA THR B 18 -1.15 1.37 37.77
C THR B 18 -2.02 2.54 37.32
N PHE B 19 -2.64 2.37 36.14
CA PHE B 19 -3.59 3.33 35.59
C PHE B 19 -2.95 4.69 35.36
N THR B 20 -1.73 4.69 34.83
CA THR B 20 -1.11 5.94 34.41
C THR B 20 -1.62 6.33 33.03
N GLN B 21 -1.23 7.52 32.58
CA GLN B 21 -1.62 7.96 31.24
C GLN B 21 -1.01 7.10 30.16
N ARG B 22 0.07 6.38 30.46
CA ARG B 22 0.69 5.48 29.48
C ARG B 22 -0.22 4.32 29.08
N SER B 23 -1.29 4.07 29.83
CA SER B 23 -2.21 2.98 29.51
C SER B 23 -3.60 3.49 29.13
N ARG B 24 -3.69 4.71 28.64
CA ARG B 24 -4.96 5.27 28.15
C ARG B 24 -5.01 5.12 26.64
N LEU B 25 -6.04 4.42 26.16
CA LEU B 25 -6.20 4.14 24.74
C LEU B 25 -7.25 5.05 24.13
N PHE B 26 -6.95 5.59 22.96
CA PHE B 26 -7.93 6.33 22.17
C PHE B 26 -8.68 5.35 21.28
N VAL B 27 -9.98 5.24 21.48
CA VAL B 27 -10.84 4.34 20.71
C VAL B 27 -11.70 5.22 19.80
N GLY B 28 -11.27 5.37 18.55
CA GLY B 28 -11.94 6.22 17.60
C GLY B 28 -12.80 5.44 16.61
N ASN B 29 -13.51 6.22 15.78
CA ASN B 29 -14.42 5.67 14.76
C ASN B 29 -15.46 4.76 15.40
N LEU B 30 -16.17 5.29 16.40
CA LEU B 30 -17.19 4.58 17.16
C LEU B 30 -18.55 4.73 16.50
N PRO B 31 -19.43 3.74 16.68
CA PRO B 31 -20.81 3.87 16.20
C PRO B 31 -21.56 4.95 16.97
N PRO B 32 -22.66 5.46 16.42
CA PRO B 32 -23.37 6.56 17.11
C PRO B 32 -23.93 6.17 18.45
N ASP B 33 -24.50 4.97 18.57
CA ASP B 33 -25.16 4.52 19.80
C ASP B 33 -24.20 3.82 20.76
N ILE B 34 -22.95 4.27 20.85
CA ILE B 34 -21.99 3.64 21.73
C ILE B 34 -22.30 4.01 23.18
N THR B 35 -22.33 3.01 24.05
CA THR B 35 -22.59 3.21 25.47
C THR B 35 -21.33 2.94 26.28
N GLU B 36 -21.35 3.42 27.53
CA GLU B 36 -20.18 3.27 28.38
C GLU B 36 -19.97 1.82 28.81
N GLU B 37 -21.06 1.09 29.08
CA GLU B 37 -20.92 -0.30 29.47
C GLU B 37 -20.48 -1.18 28.31
N GLU B 38 -20.77 -0.75 27.08
CA GLU B 38 -20.29 -1.50 25.91
C GLU B 38 -18.77 -1.38 25.79
N MET B 39 -18.22 -0.20 26.12
CA MET B 39 -16.78 -0.03 26.09
C MET B 39 -16.09 -0.94 27.09
N ARG B 40 -16.61 -1.00 28.32
CA ARG B 40 -16.06 -1.89 29.32
C ARG B 40 -16.30 -3.36 28.99
N LYS B 41 -17.21 -3.64 28.07
CA LYS B 41 -17.44 -5.02 27.65
C LYS B 41 -16.39 -5.49 26.66
N LEU B 42 -15.97 -4.63 25.73
CA LEU B 42 -14.93 -5.00 24.78
C LEU B 42 -13.58 -5.17 25.47
N PHE B 43 -13.30 -4.35 26.47
CA PHE B 43 -12.03 -4.37 27.18
C PHE B 43 -12.12 -5.15 28.49
N GLU B 44 -13.11 -6.02 28.64
CA GLU B 44 -13.27 -6.75 29.89
C GLU B 44 -12.29 -7.90 30.05
N LYS B 45 -11.71 -8.39 28.96
CA LYS B 45 -10.70 -9.44 29.05
C LYS B 45 -9.35 -8.92 29.52
N TYR B 46 -9.19 -7.61 29.66
CA TYR B 46 -7.94 -7.01 30.10
C TYR B 46 -8.01 -6.50 31.54
N GLY B 47 -9.01 -6.95 32.30
CA GLY B 47 -9.19 -6.49 33.67
C GLY B 47 -10.08 -5.27 33.77
N LYS B 48 -10.27 -4.84 35.02
CA LYS B 48 -11.08 -3.66 35.28
C LYS B 48 -10.38 -2.41 34.75
N ALA B 49 -11.16 -1.53 34.13
CA ALA B 49 -10.64 -0.31 33.54
C ALA B 49 -10.93 0.89 34.44
N GLY B 50 -10.27 2.01 34.13
CA GLY B 50 -10.46 3.23 34.87
C GLY B 50 -11.49 4.15 34.23
N GLU B 51 -11.08 5.37 33.90
CA GLU B 51 -11.98 6.32 33.27
C GLU B 51 -12.33 5.88 31.85
N VAL B 52 -13.62 5.95 31.51
CA VAL B 52 -14.10 5.64 30.17
C VAL B 52 -14.90 6.85 29.71
N PHE B 53 -14.26 7.74 28.95
CA PHE B 53 -14.93 8.90 28.37
C PHE B 53 -15.40 8.58 26.97
N ILE B 54 -16.62 9.02 26.64
CA ILE B 54 -17.21 8.80 25.32
C ILE B 54 -17.78 10.12 24.84
N HIS B 55 -17.21 10.68 23.78
CA HIS B 55 -17.79 11.84 23.09
C HIS B 55 -18.98 11.31 22.29
N LYS B 56 -20.11 11.18 22.99
CA LYS B 56 -21.27 10.46 22.47
C LYS B 56 -22.00 11.24 21.38
N ASP B 57 -21.24 11.77 20.42
CA ASP B 57 -21.79 12.48 19.28
C ASP B 57 -20.72 12.68 18.22
N LYS B 58 -19.46 12.47 18.59
CA LYS B 58 -18.34 12.61 17.67
C LYS B 58 -17.70 11.29 17.28
N GLY B 59 -18.09 10.18 17.91
CA GLY B 59 -17.61 8.88 17.49
C GLY B 59 -16.23 8.49 17.96
N PHE B 60 -15.78 9.04 19.08
CA PHE B 60 -14.49 8.65 19.64
C PHE B 60 -14.58 8.70 21.16
N GLY B 61 -13.54 8.18 21.81
CA GLY B 61 -13.51 8.16 23.25
C GLY B 61 -12.17 7.69 23.77
N PHE B 62 -12.10 7.53 25.08
CA PHE B 62 -10.88 7.10 25.74
C PHE B 62 -11.21 6.06 26.80
N ILE B 63 -10.26 5.17 27.05
CA ILE B 63 -10.37 4.18 28.11
C ILE B 63 -8.97 3.90 28.64
N ARG B 64 -8.83 3.87 29.96
CA ARG B 64 -7.55 3.66 30.61
C ARG B 64 -7.51 2.27 31.23
N LEU B 65 -6.48 1.51 30.91
CA LEU B 65 -6.30 0.16 31.43
C LEU B 65 -5.28 0.18 32.57
N GLU B 66 -5.10 -0.98 33.19
CA GLU B 66 -4.30 -1.05 34.41
C GLU B 66 -2.83 -0.77 34.13
N THR B 67 -2.23 -1.56 33.23
CA THR B 67 -0.80 -1.45 32.95
C THR B 67 -0.56 -1.10 31.50
N ARG B 68 0.68 -0.72 31.20
CA ARG B 68 1.08 -0.46 29.81
C ARG B 68 0.96 -1.73 28.97
N THR B 69 1.33 -2.88 29.54
CA THR B 69 1.29 -4.12 28.80
C THR B 69 -0.14 -4.52 28.44
N LEU B 70 -1.07 -4.38 29.40
CA LEU B 70 -2.46 -4.68 29.12
C LEU B 70 -3.05 -3.76 28.06
N ALA B 71 -2.49 -2.55 27.92
CA ALA B 71 -2.92 -1.66 26.84
C ALA B 71 -2.26 -2.01 25.53
N GLU B 72 -1.00 -2.46 25.56
CA GLU B 72 -0.33 -2.91 24.34
C GLU B 72 -1.05 -4.09 23.72
N ILE B 73 -1.47 -5.05 24.55
CA ILE B 73 -2.20 -6.21 24.05
C ILE B 73 -3.57 -5.80 23.52
N ALA B 74 -4.25 -4.91 24.23
CA ALA B 74 -5.59 -4.49 23.82
C ALA B 74 -5.56 -3.66 22.54
N LYS B 75 -4.44 -3.03 22.21
CA LYS B 75 -4.39 -2.20 21.01
C LYS B 75 -4.43 -3.04 19.75
N VAL B 76 -3.67 -4.14 19.71
CA VAL B 76 -3.59 -4.92 18.48
C VAL B 76 -4.83 -5.81 18.30
N GLU B 77 -5.49 -6.19 19.39
CA GLU B 77 -6.66 -7.06 19.25
C GLU B 77 -7.88 -6.27 18.79
N LEU B 78 -8.13 -5.10 19.37
CA LEU B 78 -9.33 -4.34 19.10
C LEU B 78 -9.14 -3.26 18.04
N ASP B 79 -8.00 -3.25 17.36
CA ASP B 79 -7.80 -2.32 16.25
C ASP B 79 -8.35 -2.95 14.97
N ASN B 80 -9.03 -2.13 14.17
CA ASN B 80 -9.70 -2.58 12.95
C ASN B 80 -10.69 -3.71 13.23
N MET B 81 -11.31 -3.70 14.40
CA MET B 81 -12.31 -4.69 14.73
C MET B 81 -13.69 -4.20 14.31
N PRO B 82 -14.46 -5.01 13.58
CA PRO B 82 -15.79 -4.58 13.17
C PRO B 82 -16.71 -4.40 14.37
N LEU B 83 -17.47 -3.29 14.35
CA LEU B 83 -18.42 -2.99 15.42
C LEU B 83 -19.59 -2.23 14.80
N ARG B 84 -20.62 -3.00 14.39
CA ARG B 84 -21.84 -2.44 13.81
C ARG B 84 -21.54 -1.58 12.58
N GLY B 85 -20.81 -2.16 11.64
CA GLY B 85 -20.54 -1.52 10.36
C GLY B 85 -19.32 -0.63 10.33
N LYS B 86 -18.66 -0.39 11.45
CA LYS B 86 -17.50 0.49 11.52
C LYS B 86 -16.30 -0.25 12.07
N GLN B 87 -15.12 0.13 11.60
CA GLN B 87 -13.86 -0.44 12.05
C GLN B 87 -13.24 0.46 13.11
N LEU B 88 -12.95 -0.12 14.27
CA LEU B 88 -12.40 0.66 15.37
C LEU B 88 -10.96 1.10 15.08
N ARG B 89 -10.57 2.21 15.70
CA ARG B 89 -9.22 2.78 15.57
C ARG B 89 -8.70 2.97 17.00
N VAL B 90 -8.01 1.95 17.52
CA VAL B 90 -7.50 1.98 18.88
C VAL B 90 -6.03 2.38 18.84
N ARG B 91 -5.71 3.49 19.50
CA ARG B 91 -4.36 4.02 19.53
C ARG B 91 -4.04 4.54 20.94
N PHE B 92 -2.76 4.62 21.24
CA PHE B 92 -2.31 5.17 22.51
C PHE B 92 -2.54 6.67 22.53
N ALA B 93 -3.27 7.15 23.53
CA ALA B 93 -3.48 8.58 23.68
C ALA B 93 -2.15 9.27 24.02
N CYS B 94 -2.04 10.53 23.66
CA CYS B 94 -0.81 11.31 23.94
C CYS B 94 -0.81 11.68 25.48
N HIS B 95 0.36 11.95 26.04
CA HIS B 95 0.45 12.35 27.43
C HIS B 95 0.12 13.82 27.58
N SER B 96 -0.80 14.13 28.48
CA SER B 96 -1.29 15.49 28.65
C SER B 96 -0.47 16.32 29.64
N ALA B 97 0.59 15.75 30.20
CA ALA B 97 1.38 16.45 31.22
C ALA B 97 2.81 15.91 31.21
N SER B 98 3.45 15.94 30.04
CA SER B 98 4.82 15.49 29.88
C SER B 98 5.74 16.69 29.73
N LEU B 99 6.91 16.60 30.35
CA LEU B 99 7.87 17.70 30.36
C LEU B 99 9.24 17.20 29.92
N THR B 100 9.96 18.07 29.22
CA THR B 100 11.35 17.82 28.85
C THR B 100 12.25 18.62 29.78
N VAL B 101 13.19 17.94 30.42
CA VAL B 101 14.14 18.56 31.34
C VAL B 101 15.52 18.49 30.70
N ARG B 102 16.09 19.65 30.40
CA ARG B 102 17.41 19.75 29.79
C ARG B 102 18.40 20.32 30.80
N ASN B 103 19.68 20.31 30.40
CA ASN B 103 20.78 20.77 31.25
C ASN B 103 20.83 20.00 32.57
N LEU B 104 20.58 18.70 32.50
CA LEU B 104 20.64 17.88 33.69
C LEU B 104 22.08 17.79 34.20
N PRO B 105 22.30 17.87 35.50
CA PRO B 105 23.65 17.64 36.04
C PRO B 105 23.99 16.16 36.01
N GLN B 106 25.27 15.87 36.23
CA GLN B 106 25.72 14.49 36.26
C GLN B 106 25.30 13.83 37.57
N TYR B 107 25.37 12.49 37.57
CA TYR B 107 24.99 11.69 38.74
C TYR B 107 23.52 11.88 39.10
N VAL B 108 22.65 11.93 38.09
CA VAL B 108 21.21 12.04 38.27
C VAL B 108 20.56 10.79 37.71
N SER B 109 19.85 10.06 38.55
CA SER B 109 19.18 8.83 38.15
C SER B 109 17.69 9.08 37.93
N ASN B 110 17.01 8.05 37.42
CA ASN B 110 15.57 8.15 37.22
C ASN B 110 14.84 8.36 38.53
N GLU B 111 15.29 7.68 39.59
CA GLU B 111 14.65 7.82 40.89
C GLU B 111 14.86 9.23 41.46
N LEU B 112 16.06 9.79 41.27
CA LEU B 112 16.32 11.13 41.77
C LEU B 112 15.49 12.17 41.02
N LEU B 113 15.34 12.00 39.70
CA LEU B 113 14.54 12.94 38.92
C LEU B 113 13.07 12.88 39.34
N GLU B 114 12.55 11.67 39.58
CA GLU B 114 11.18 11.53 40.05
C GLU B 114 11.02 12.12 41.44
N GLU B 115 11.98 11.85 42.33
CA GLU B 115 11.92 12.40 43.69
C GLU B 115 11.97 13.92 43.67
N ALA B 116 12.79 14.49 42.78
CA ALA B 116 12.96 15.94 42.74
C ALA B 116 11.67 16.64 42.30
N PHE B 117 11.11 16.21 41.16
CA PHE B 117 9.94 16.88 40.62
C PHE B 117 8.65 16.47 41.31
N SER B 118 8.68 15.51 42.23
CA SER B 118 7.49 15.16 42.98
C SER B 118 7.04 16.29 43.91
N VAL B 119 7.92 17.27 44.16
CA VAL B 119 7.55 18.41 44.99
C VAL B 119 6.47 19.26 44.33
N PHE B 120 6.29 19.13 43.02
CA PHE B 120 5.27 19.87 42.30
C PHE B 120 3.95 19.12 42.18
N GLY B 121 3.93 17.84 42.51
CA GLY B 121 2.72 17.05 42.40
C GLY B 121 3.05 15.60 42.12
N GLN B 122 1.99 14.82 41.91
CA GLN B 122 2.12 13.40 41.66
C GLN B 122 2.79 13.17 40.31
N VAL B 123 3.91 12.45 40.30
CA VAL B 123 4.67 12.16 39.10
C VAL B 123 4.54 10.66 38.80
N GLU B 124 4.22 10.34 37.55
CA GLU B 124 4.05 8.95 37.13
C GLU B 124 5.36 8.29 36.71
N ARG B 125 6.19 8.99 35.94
CA ARG B 125 7.40 8.40 35.40
C ARG B 125 8.42 9.49 35.16
N ALA B 126 9.69 9.16 35.41
CA ALA B 126 10.80 10.07 35.14
C ALA B 126 11.96 9.26 34.56
N VAL B 127 12.51 9.73 33.45
CA VAL B 127 13.55 9.01 32.73
C VAL B 127 14.70 9.94 32.44
N VAL B 128 15.90 9.53 32.82
CA VAL B 128 17.13 10.22 32.44
C VAL B 128 17.57 9.62 31.11
N ILE B 129 17.45 10.41 30.03
CA ILE B 129 17.72 9.88 28.69
C ILE B 129 19.19 9.51 28.58
N VAL B 130 19.45 8.33 28.02
CA VAL B 130 20.79 7.77 27.92
C VAL B 130 21.10 7.47 26.46
N ASP B 131 22.36 7.69 26.07
CA ASP B 131 22.79 7.41 24.71
C ASP B 131 22.96 5.91 24.51
N ASP B 132 23.60 5.53 23.40
CA ASP B 132 23.81 4.11 23.10
C ASP B 132 25.01 3.52 23.83
N ARG B 133 25.81 4.34 24.51
CA ARG B 133 26.99 3.87 25.21
C ARG B 133 26.82 3.87 26.72
N GLY B 134 25.61 4.12 27.22
CA GLY B 134 25.36 4.10 28.64
C GLY B 134 25.57 5.42 29.35
N ARG B 135 25.69 6.53 28.63
CA ARG B 135 25.91 7.82 29.25
C ARG B 135 24.68 8.71 29.13
N PRO B 136 24.39 9.52 30.15
CA PRO B 136 23.22 10.41 30.08
C PRO B 136 23.45 11.53 29.06
N SER B 137 22.46 11.73 28.19
CA SER B 137 22.55 12.75 27.15
C SER B 137 22.33 14.16 27.68
N GLY B 138 22.06 14.32 28.97
CA GLY B 138 21.73 15.60 29.55
C GLY B 138 20.27 15.96 29.52
N LYS B 139 19.46 15.25 28.73
CA LYS B 139 18.02 15.47 28.66
C LYS B 139 17.28 14.43 29.50
N GLY B 140 16.05 14.76 29.85
CA GLY B 140 15.23 13.87 30.64
C GLY B 140 13.76 14.11 30.37
N ILE B 141 12.94 13.16 30.83
CA ILE B 141 11.49 13.21 30.69
C ILE B 141 10.88 13.12 32.07
N VAL B 142 9.89 13.97 32.34
CA VAL B 142 9.12 13.92 33.58
C VAL B 142 7.65 13.90 33.19
N GLU B 143 6.93 12.87 33.62
CA GLU B 143 5.51 12.71 33.34
C GLU B 143 4.73 12.84 34.64
N PHE B 144 3.92 13.88 34.73
CA PHE B 144 3.07 14.09 35.89
C PHE B 144 1.70 13.44 35.66
N SER B 145 0.99 13.20 36.76
CA SER B 145 -0.32 12.58 36.67
C SER B 145 -1.35 13.51 36.04
N GLY B 146 -1.17 14.83 36.18
CA GLY B 146 -2.13 15.78 35.65
C GLY B 146 -1.46 17.09 35.25
N LYS B 147 -2.23 17.91 34.54
CA LYS B 147 -1.72 19.20 34.09
C LYS B 147 -1.31 20.14 35.21
N PRO B 148 -2.06 20.29 36.32
CA PRO B 148 -1.64 21.26 37.35
C PRO B 148 -0.25 21.02 37.89
N ALA B 149 0.13 19.77 38.11
CA ALA B 149 1.47 19.48 38.62
C ALA B 149 2.54 19.89 37.61
N ALA B 150 2.30 19.62 36.33
CA ALA B 150 3.26 20.02 35.30
C ALA B 150 3.31 21.53 35.13
N ARG B 151 2.19 22.23 35.37
CA ARG B 151 2.19 23.68 35.29
C ARG B 151 3.06 24.29 36.40
N LYS B 152 2.95 23.76 37.61
CA LYS B 152 3.76 24.29 38.72
C LYS B 152 5.24 24.03 38.49
N ALA B 153 5.58 22.84 37.96
CA ALA B 153 6.97 22.53 37.71
C ALA B 153 7.56 23.44 36.64
N LEU B 154 6.76 23.80 35.64
CA LEU B 154 7.27 24.66 34.56
C LEU B 154 7.48 26.10 35.05
N ASP B 155 6.52 26.63 35.81
CA ASP B 155 6.63 28.01 36.28
C ASP B 155 7.73 28.16 37.31
N ARG B 156 7.79 27.25 38.29
CA ARG B 156 8.77 27.38 39.36
C ARG B 156 10.19 27.23 38.83
N CYS B 157 10.41 26.32 37.89
CA CYS B 157 11.75 26.08 37.38
C CYS B 157 12.22 27.13 36.40
N SER B 158 11.32 27.98 35.89
CA SER B 158 11.73 29.11 35.07
C SER B 158 11.97 30.37 35.89
N GLU B 159 11.22 30.57 36.97
CA GLU B 159 11.41 31.71 37.85
C GLU B 159 12.66 31.49 38.71
N GLY B 160 12.59 30.56 39.66
CA GLY B 160 13.73 30.23 40.48
C GLY B 160 14.60 29.16 39.85
N SER B 161 15.79 29.00 40.42
CA SER B 161 16.78 28.04 39.93
C SER B 161 16.60 26.73 40.68
N PHE B 162 16.14 25.70 39.98
CA PHE B 162 15.92 24.39 40.57
C PHE B 162 17.19 23.56 40.39
N LEU B 163 17.85 23.25 41.51
CA LEU B 163 19.09 22.49 41.51
C LEU B 163 18.83 21.08 42.03
N LEU B 164 19.22 20.08 41.24
CA LEU B 164 19.00 18.70 41.62
C LEU B 164 20.14 18.12 42.44
N THR B 165 21.38 18.54 42.18
CA THR B 165 22.55 18.10 42.91
C THR B 165 23.24 19.31 43.53
N THR B 166 24.48 19.09 44.00
CA THR B 166 25.22 20.18 44.61
C THR B 166 25.72 21.19 43.58
N PHE B 167 26.00 20.73 42.36
CA PHE B 167 26.48 21.61 41.30
C PHE B 167 25.42 22.66 40.99
N PRO B 168 25.73 23.95 41.18
CA PRO B 168 24.69 25.00 41.03
C PRO B 168 24.44 25.39 39.58
N ARG B 169 23.99 24.42 38.78
CA ARG B 169 23.50 24.69 37.43
C ARG B 169 22.03 24.35 37.37
N PRO B 170 21.14 25.33 37.18
CA PRO B 170 19.71 25.03 37.20
C PRO B 170 19.28 24.29 35.94
N VAL B 171 18.34 23.35 36.11
CA VAL B 171 17.82 22.60 34.99
C VAL B 171 16.79 23.43 34.24
N THR B 172 16.62 23.10 32.96
CA THR B 172 15.65 23.77 32.10
C THR B 172 14.46 22.85 31.90
N VAL B 173 13.26 23.37 32.16
CA VAL B 173 12.02 22.61 32.03
C VAL B 173 11.19 23.26 30.94
N GLU B 174 10.85 22.48 29.91
CA GLU B 174 10.05 22.94 28.80
C GLU B 174 9.01 21.88 28.48
N PRO B 175 7.91 22.26 27.84
CA PRO B 175 6.90 21.27 27.46
C PRO B 175 7.47 20.23 26.50
N MET B 176 7.02 18.99 26.67
CA MET B 176 7.48 17.91 25.80
C MET B 176 6.96 18.10 24.38
N ASP B 177 7.87 18.07 23.41
CA ASP B 177 7.51 18.10 22.00
C ASP B 177 7.25 16.66 21.58
N GLN B 178 5.96 16.27 21.52
CA GLN B 178 5.60 14.90 21.23
C GLN B 178 5.62 14.66 19.72
N LEU B 179 6.48 13.75 19.28
CA LEU B 179 6.60 13.38 17.88
C LEU B 179 6.25 11.92 17.71
N ASP B 180 5.47 11.62 16.67
CA ASP B 180 5.03 10.26 16.37
C ASP B 180 5.97 9.65 15.33
N ASP B 181 6.76 8.66 15.76
CA ASP B 181 7.63 7.92 14.86
C ASP B 181 7.21 6.45 14.72
N GLU B 182 5.96 6.14 15.06
CA GLU B 182 5.42 4.80 14.91
C GLU B 182 4.36 4.74 13.81
N GLU B 183 3.32 5.58 13.91
CA GLU B 183 2.30 5.63 12.87
C GLU B 183 2.84 6.32 11.62
N GLY B 184 3.43 7.51 11.79
CA GLY B 184 3.96 8.25 10.67
C GLY B 184 2.89 8.90 9.82
N LEU B 185 3.11 8.94 8.51
CA LEU B 185 2.17 9.55 7.57
C LEU B 185 1.88 8.55 6.45
N PRO B 186 0.77 7.83 6.53
CA PRO B 186 0.44 6.87 5.48
C PRO B 186 -0.02 7.58 4.20
N GLU B 187 -0.05 6.79 3.12
CA GLU B 187 -0.50 7.32 1.84
C GLU B 187 -1.97 7.74 1.87
N LYS B 188 -2.76 7.11 2.74
CA LYS B 188 -4.19 7.43 2.78
C LYS B 188 -4.42 8.84 3.30
N LEU B 189 -3.61 9.29 4.27
CA LEU B 189 -3.80 10.61 4.85
C LEU B 189 -3.36 11.73 3.91
N VAL B 190 -2.50 11.44 2.94
CA VAL B 190 -2.06 12.46 2.00
C VAL B 190 -3.21 12.84 1.09
N ILE B 191 -3.49 14.14 0.99
CA ILE B 191 -4.58 14.61 0.15
C ILE B 191 -4.16 14.53 -1.31
N LYS B 192 -4.97 13.85 -2.13
CA LYS B 192 -4.65 13.63 -3.54
C LYS B 192 -5.16 14.82 -4.37
N ASN B 193 -4.50 15.95 -4.19
CA ASN B 193 -4.82 17.17 -4.92
C ASN B 193 -3.93 17.30 -6.14
N GLN B 194 -4.02 18.44 -6.83
CA GLN B 194 -3.23 18.63 -8.04
C GLN B 194 -1.75 18.84 -7.73
N GLN B 195 -1.45 19.59 -6.65
CA GLN B 195 -0.06 19.76 -6.25
C GLN B 195 0.56 18.44 -5.83
N PHE B 196 -0.22 17.52 -5.28
CA PHE B 196 0.28 16.20 -4.95
C PHE B 196 0.73 15.46 -6.20
N HIS B 197 -0.13 15.41 -7.22
CA HIS B 197 0.23 14.72 -8.46
C HIS B 197 1.40 15.41 -9.15
N LYS B 198 1.49 16.75 -9.04
CA LYS B 198 2.61 17.46 -9.63
C LYS B 198 3.93 17.04 -9.01
N GLU B 199 3.95 16.85 -7.69
CA GLU B 199 5.16 16.42 -6.99
C GLU B 199 5.45 14.93 -7.20
N ARG B 200 4.46 14.14 -7.61
CA ARG B 200 4.65 12.71 -7.82
C ARG B 200 4.89 12.36 -9.29
N GLU B 201 5.11 13.36 -10.15
CA GLU B 201 5.35 13.07 -11.56
C GLU B 201 6.68 12.33 -11.74
N GLN B 202 7.69 12.69 -10.96
CA GLN B 202 9.00 12.04 -11.05
C GLN B 202 9.17 11.08 -9.89
N PRO B 203 9.55 9.83 -10.14
CA PRO B 203 9.73 8.86 -9.08
C PRO B 203 10.99 9.15 -8.27
N PRO B 204 11.18 8.47 -7.14
CA PRO B 204 12.47 8.59 -6.44
C PRO B 204 13.62 8.19 -7.36
N ARG B 205 14.64 9.04 -7.40
CA ARG B 205 15.75 8.84 -8.33
C ARG B 205 16.95 9.63 -7.85
N PHE B 206 18.11 9.33 -8.43
CA PHE B 206 19.31 10.11 -8.22
C PHE B 206 19.44 11.15 -9.34
N ALA B 207 19.81 12.37 -8.96
CA ALA B 207 19.99 13.44 -9.92
C ALA B 207 21.12 13.12 -10.89
N GLN B 208 20.79 12.94 -12.16
CA GLN B 208 21.81 12.63 -13.15
C GLN B 208 22.56 13.90 -13.56
N PRO B 209 23.88 13.86 -13.66
CA PRO B 209 24.64 15.07 -14.01
C PRO B 209 24.27 15.57 -15.40
N GLY B 210 24.14 16.90 -15.51
CA GLY B 210 23.79 17.56 -16.75
C GLY B 210 22.41 18.17 -16.75
N SER B 211 21.48 17.58 -16.01
CA SER B 211 20.10 18.06 -15.99
C SER B 211 19.98 19.33 -15.14
N PHE B 212 18.82 19.99 -15.25
CA PHE B 212 18.58 21.18 -14.46
C PHE B 212 18.37 20.85 -12.99
N GLU B 213 17.71 19.74 -12.70
CA GLU B 213 17.50 19.35 -11.31
C GLU B 213 18.82 18.97 -10.63
N TYR B 214 19.81 18.54 -11.41
CA TYR B 214 21.10 18.23 -10.83
C TYR B 214 21.84 19.48 -10.37
N GLU B 215 21.80 20.54 -11.19
CA GLU B 215 22.45 21.79 -10.81
C GLU B 215 21.76 22.44 -9.61
N TYR B 216 20.43 22.44 -9.61
CA TYR B 216 19.70 23.01 -8.49
C TYR B 216 19.88 22.19 -7.22
N ALA B 217 20.05 20.86 -7.35
CA ALA B 217 20.27 20.02 -6.18
C ALA B 217 21.66 20.24 -5.60
N MET B 218 22.66 20.47 -6.45
CA MET B 218 24.00 20.75 -5.97
C MET B 218 24.05 22.06 -5.19
N ARG B 219 23.25 23.05 -5.61
CA ARG B 219 23.16 24.29 -4.84
C ARG B 219 22.56 24.05 -3.46
N TRP B 220 21.68 23.06 -3.33
CA TRP B 220 21.11 22.74 -2.02
C TRP B 220 22.14 22.04 -1.14
N LYS B 221 22.88 21.08 -1.70
CA LYS B 221 23.92 20.42 -0.92
C LYS B 221 24.99 21.40 -0.47
N ALA B 222 25.30 22.40 -1.30
CA ALA B 222 26.23 23.44 -0.88
C ALA B 222 25.65 24.27 0.26
N LEU B 223 24.36 24.59 0.18
CA LEU B 223 23.74 25.37 1.25
C LEU B 223 23.60 24.56 2.53
N ILE B 224 23.29 23.27 2.41
CA ILE B 224 23.20 22.41 3.59
C ILE B 224 24.55 22.31 4.29
N GLU B 225 25.63 22.31 3.51
CA GLU B 225 26.96 22.29 4.10
C GLU B 225 27.25 23.60 4.84
N MET B 226 26.80 24.73 4.29
CA MET B 226 26.96 26.00 4.98
C MET B 226 26.20 26.02 6.30
N GLU B 227 25.03 25.39 6.33
CA GLU B 227 24.29 25.27 7.58
C GLU B 227 25.03 24.40 8.59
N LYS B 228 25.77 23.39 8.11
CA LYS B 228 26.55 22.54 9.00
C LYS B 228 27.67 23.33 9.66
N GLN B 229 28.36 24.18 8.90
CA GLN B 229 29.45 24.97 9.47
C GLN B 229 28.92 26.05 10.42
N GLN B 230 27.76 26.62 10.09
CA GLN B 230 27.18 27.63 10.98
C GLN B 230 26.75 27.01 12.30
N GLN B 231 26.14 25.83 12.26
CA GLN B 231 25.70 25.17 13.48
C GLN B 231 26.88 24.73 14.33
N ASP B 232 27.92 24.18 13.68
CA ASP B 232 29.10 23.75 14.43
C ASP B 232 29.86 24.94 14.99
N GLN B 233 29.85 26.08 14.31
CA GLN B 233 30.49 27.28 14.83
C GLN B 233 29.78 27.76 16.11
N VAL B 234 28.45 27.69 16.13
CA VAL B 234 27.71 28.07 17.33
C VAL B 234 27.93 27.06 18.44
N ASP B 235 27.94 25.77 18.11
CA ASP B 235 28.14 24.74 19.12
C ASP B 235 29.49 24.89 19.81
N ARG B 236 30.52 25.30 19.06
CA ARG B 236 31.82 25.56 19.68
C ARG B 236 31.77 26.83 20.52
N ASN B 237 31.02 27.84 20.06
CA ASN B 237 30.90 29.08 20.83
C ASN B 237 30.09 28.87 22.10
N ILE B 238 29.21 27.87 22.12
CA ILE B 238 28.41 27.62 23.31
C ILE B 238 29.19 26.78 24.32
N LYS B 239 29.90 25.76 23.84
CA LYS B 239 30.66 24.90 24.75
C LYS B 239 31.79 25.67 25.43
N GLU B 240 32.51 26.48 24.66
CA GLU B 240 33.60 27.26 25.25
C GLU B 240 33.08 28.36 26.18
N ALA B 241 31.92 28.93 25.86
CA ALA B 241 31.33 29.92 26.76
C ALA B 241 30.89 29.29 28.07
N ARG B 242 30.38 28.04 28.01
CA ARG B 242 30.07 27.33 29.23
C ARG B 242 31.32 27.01 30.03
N GLU B 243 32.44 26.74 29.34
CA GLU B 243 33.69 26.52 30.06
C GLU B 243 34.17 27.78 30.75
N LYS B 244 33.88 28.96 30.18
CA LYS B 244 34.19 30.22 30.86
C LYS B 244 33.37 30.42 32.12
N LEU B 245 32.31 29.64 32.32
CA LEU B 245 31.49 29.71 33.52
C LEU B 245 31.72 28.56 34.48
N GLU B 246 32.02 27.35 33.95
CA GLU B 246 32.26 26.21 34.83
C GLU B 246 33.57 26.34 35.58
N MET B 247 34.56 27.04 35.02
CA MET B 247 35.82 27.25 35.72
C MET B 247 35.70 28.32 36.80
N GLU B 248 34.68 29.17 36.74
CA GLU B 248 34.41 30.15 37.78
C GLU B 248 33.66 29.57 38.97
N MET B 249 33.49 28.24 39.02
CA MET B 249 32.78 27.59 40.11
C MET B 249 33.61 27.65 41.38
N GLU B 250 34.63 26.80 41.47
CA GLU B 250 35.52 26.85 42.63
C GLU B 250 36.40 28.08 42.65
N ALA B 251 36.56 28.76 41.50
CA ALA B 251 37.31 30.00 41.48
C ALA B 251 36.59 31.09 42.27
N ALA B 252 35.26 31.12 42.20
CA ALA B 252 34.46 32.04 42.97
C ALA B 252 33.89 31.44 44.24
N ARG B 253 34.06 30.13 44.45
CA ARG B 253 33.64 29.48 45.69
C ARG B 253 34.43 29.97 46.90
N HIS B 254 35.54 30.68 46.69
CA HIS B 254 36.31 31.23 47.80
C HIS B 254 35.65 32.50 48.33
N GLU B 255 34.32 32.58 48.20
CA GLU B 255 33.54 33.72 48.66
C GLU B 255 33.85 34.03 50.11
N HIS B 256 33.43 33.16 51.02
CA HIS B 256 33.76 33.28 52.43
C HIS B 256 33.69 31.93 53.13
N ILE C 6 -31.66 12.70 -24.00
CA ILE C 6 -30.39 13.35 -24.27
C ILE C 6 -29.84 13.97 -22.99
N ASP C 7 -30.64 13.91 -21.93
CA ASP C 7 -30.31 14.53 -20.66
C ASP C 7 -29.72 13.50 -19.69
N LEU C 8 -29.09 14.01 -18.63
CA LEU C 8 -28.57 13.20 -17.55
C LEU C 8 -28.93 13.86 -16.23
N LYS C 9 -28.80 13.10 -15.15
CA LYS C 9 -29.08 13.64 -13.82
C LYS C 9 -28.26 12.93 -12.75
N ASN C 10 -28.73 11.77 -12.29
CA ASN C 10 -28.05 11.05 -11.22
C ASN C 10 -27.81 9.59 -11.61
N GLU C 16 -19.22 4.86 -4.04
CA GLU C 16 -18.39 5.06 -5.22
C GLU C 16 -17.07 5.73 -4.86
N LYS C 17 -15.97 5.12 -5.29
CA LYS C 17 -14.66 5.72 -5.10
C LYS C 17 -14.42 6.74 -6.22
N THR C 18 -14.20 7.99 -5.84
CA THR C 18 -14.08 9.07 -6.79
C THR C 18 -12.62 9.26 -7.21
N PHE C 19 -12.44 9.67 -8.47
CA PHE C 19 -11.12 10.01 -9.02
C PHE C 19 -10.15 8.83 -8.95
N THR C 20 -10.63 7.65 -9.31
CA THR C 20 -9.77 6.49 -9.42
C THR C 20 -9.09 6.47 -10.79
N GLN C 21 -8.17 5.52 -10.97
CA GLN C 21 -7.50 5.39 -12.25
C GLN C 21 -8.44 4.95 -13.37
N ARG C 22 -9.63 4.43 -13.02
CA ARG C 22 -10.59 4.08 -14.05
C ARG C 22 -11.13 5.31 -14.76
N SER C 23 -11.39 6.39 -14.01
CA SER C 23 -11.85 7.64 -14.58
C SER C 23 -10.71 8.51 -15.09
N ARG C 24 -9.52 7.95 -15.23
CA ARG C 24 -8.36 8.68 -15.73
C ARG C 24 -8.33 8.59 -17.25
N LEU C 25 -8.43 9.73 -17.92
CA LEU C 25 -8.52 9.79 -19.37
C LEU C 25 -7.18 10.20 -19.97
N PHE C 26 -6.73 9.46 -20.98
CA PHE C 26 -5.57 9.83 -21.76
C PHE C 26 -5.98 10.74 -22.90
N VAL C 27 -5.26 11.85 -23.07
CA VAL C 27 -5.46 12.76 -24.19
C VAL C 27 -4.15 12.84 -24.95
N GLY C 28 -4.21 12.58 -26.25
CA GLY C 28 -3.02 12.52 -27.09
C GLY C 28 -3.11 13.48 -28.27
N ASN C 29 -2.00 13.59 -28.98
CA ASN C 29 -1.87 14.49 -30.13
C ASN C 29 -2.23 15.92 -29.76
N LEU C 30 -1.68 16.39 -28.64
CA LEU C 30 -1.89 17.75 -28.22
C LEU C 30 -0.96 18.70 -28.96
N PRO C 31 -1.39 19.93 -29.22
CA PRO C 31 -0.47 20.95 -29.72
C PRO C 31 0.44 21.43 -28.60
N PRO C 32 1.38 22.34 -28.88
CA PRO C 32 2.09 22.99 -27.79
C PRO C 32 1.18 23.89 -26.97
N ASP C 33 1.75 24.92 -26.33
CA ASP C 33 1.02 25.95 -25.59
C ASP C 33 -0.08 25.41 -24.68
N ILE C 34 -0.06 24.11 -24.40
CA ILE C 34 -1.12 23.49 -23.59
C ILE C 34 -0.89 23.82 -22.12
N THR C 35 -1.90 24.40 -21.49
CA THR C 35 -1.82 24.78 -20.08
C THR C 35 -2.82 23.97 -19.27
N GLU C 36 -2.59 23.92 -17.96
CA GLU C 36 -3.47 23.19 -17.07
C GLU C 36 -4.86 23.81 -17.03
N GLU C 37 -4.96 25.13 -17.19
CA GLU C 37 -6.26 25.79 -17.14
C GLU C 37 -7.12 25.41 -18.34
N GLU C 38 -6.56 25.53 -19.55
CA GLU C 38 -7.33 25.19 -20.74
C GLU C 38 -7.70 23.71 -20.76
N MET C 39 -6.84 22.85 -20.20
CA MET C 39 -7.14 21.43 -20.14
C MET C 39 -8.41 21.17 -19.34
N ARG C 40 -8.57 21.86 -18.21
CA ARG C 40 -9.77 21.69 -17.40
C ARG C 40 -11.00 22.29 -18.08
N LYS C 41 -10.83 23.37 -18.85
CA LYS C 41 -11.95 23.94 -19.58
C LYS C 41 -12.47 22.99 -20.66
N LEU C 42 -11.58 22.18 -21.25
CA LEU C 42 -12.02 21.19 -22.22
C LEU C 42 -12.97 20.18 -21.57
N PHE C 43 -12.72 19.82 -20.31
CA PHE C 43 -13.56 18.90 -19.56
C PHE C 43 -14.34 19.62 -18.47
N GLU C 44 -14.63 20.90 -18.67
CA GLU C 44 -15.34 21.68 -17.65
C GLU C 44 -16.77 21.22 -17.51
N LYS C 45 -17.42 20.86 -18.61
CA LYS C 45 -18.82 20.43 -18.60
C LYS C 45 -19.02 19.06 -17.93
N TYR C 46 -17.99 18.46 -17.35
CA TYR C 46 -18.10 17.20 -16.65
C TYR C 46 -17.72 17.33 -15.18
N GLY C 47 -18.00 18.49 -14.59
CA GLY C 47 -17.63 18.75 -13.21
C GLY C 47 -16.15 19.02 -13.06
N LYS C 48 -15.74 19.21 -11.80
CA LYS C 48 -14.34 19.47 -11.51
C LYS C 48 -13.51 18.20 -11.70
N ALA C 49 -12.36 18.36 -12.36
CA ALA C 49 -11.44 17.26 -12.58
C ALA C 49 -10.33 17.28 -11.53
N GLY C 50 -9.78 16.11 -11.26
CA GLY C 50 -8.71 15.98 -10.28
C GLY C 50 -7.32 16.14 -10.87
N GLU C 51 -6.62 15.03 -11.04
CA GLU C 51 -5.28 15.08 -11.61
C GLU C 51 -5.33 15.56 -13.05
N VAL C 52 -4.40 16.46 -13.39
CA VAL C 52 -4.20 16.92 -14.75
C VAL C 52 -2.70 16.91 -15.02
N PHE C 53 -2.23 15.94 -15.80
CA PHE C 53 -0.83 15.84 -16.18
C PHE C 53 -0.65 16.22 -17.64
N ILE C 54 0.42 16.96 -17.93
CA ILE C 54 0.77 17.35 -19.29
C ILE C 54 2.27 17.17 -19.45
N HIS C 55 2.67 16.36 -20.42
CA HIS C 55 4.09 16.12 -20.64
C HIS C 55 4.78 17.40 -21.10
N LYS C 56 6.05 17.54 -20.70
CA LYS C 56 6.77 18.79 -20.95
C LYS C 56 7.00 19.02 -22.44
N ASP C 57 7.30 17.96 -23.19
CA ASP C 57 7.56 18.11 -24.61
C ASP C 57 7.35 16.80 -25.36
N LYS C 58 6.20 16.16 -25.16
CA LYS C 58 5.86 14.93 -25.86
C LYS C 58 4.60 15.05 -26.70
N GLY C 59 3.58 15.75 -26.22
CA GLY C 59 2.35 15.95 -26.95
C GLY C 59 1.14 15.22 -26.44
N PHE C 60 1.21 14.62 -25.25
CA PHE C 60 0.06 13.93 -24.67
C PHE C 60 -0.09 14.35 -23.21
N GLY C 61 -1.18 13.91 -22.60
CA GLY C 61 -1.44 14.24 -21.21
C GLY C 61 -2.54 13.36 -20.65
N PHE C 62 -2.81 13.55 -19.37
CA PHE C 62 -3.85 12.81 -18.67
C PHE C 62 -4.71 13.78 -17.87
N ILE C 63 -6.00 13.48 -17.79
CA ILE C 63 -6.93 14.21 -16.94
C ILE C 63 -7.80 13.19 -16.21
N ARG C 64 -8.00 13.42 -14.92
CA ARG C 64 -8.71 12.49 -14.06
C ARG C 64 -10.09 13.07 -13.73
N LEU C 65 -11.14 12.38 -14.14
CA LEU C 65 -12.50 12.81 -13.87
C LEU C 65 -13.03 12.15 -12.60
N GLU C 66 -14.24 12.53 -12.21
CA GLU C 66 -14.79 12.05 -10.94
C GLU C 66 -15.15 10.57 -11.00
N THR C 67 -16.10 10.22 -11.87
CA THR C 67 -16.61 8.86 -11.96
C THR C 67 -16.24 8.25 -13.31
N ARG C 68 -16.39 6.92 -13.38
CA ARG C 68 -16.14 6.20 -14.62
C ARG C 68 -17.13 6.60 -15.70
N THR C 69 -18.39 6.83 -15.32
CA THR C 69 -19.41 7.18 -16.30
C THR C 69 -19.15 8.55 -16.91
N LEU C 70 -18.72 9.52 -16.09
CA LEU C 70 -18.38 10.84 -16.62
C LEU C 70 -17.16 10.78 -17.53
N ALA C 71 -16.30 9.77 -17.34
CA ALA C 71 -15.14 9.60 -18.22
C ALA C 71 -15.55 9.01 -19.56
N GLU C 72 -16.50 8.08 -19.56
CA GLU C 72 -16.96 7.50 -20.81
C GLU C 72 -17.73 8.51 -21.65
N ILE C 73 -18.50 9.39 -21.00
CA ILE C 73 -19.22 10.43 -21.72
C ILE C 73 -18.24 11.43 -22.33
N ALA C 74 -17.23 11.85 -21.55
CA ALA C 74 -16.24 12.78 -22.05
C ALA C 74 -15.37 12.17 -23.14
N LYS C 75 -15.28 10.84 -23.21
CA LYS C 75 -14.46 10.21 -24.23
C LYS C 75 -15.11 10.34 -25.60
N VAL C 76 -16.35 9.86 -25.74
CA VAL C 76 -16.99 9.81 -27.05
C VAL C 76 -17.20 11.21 -27.62
N GLU C 77 -17.37 12.22 -26.75
CA GLU C 77 -17.60 13.57 -27.23
C GLU C 77 -16.32 14.23 -27.74
N LEU C 78 -15.27 14.23 -26.92
CA LEU C 78 -14.05 14.94 -27.24
C LEU C 78 -13.07 14.12 -28.08
N ASP C 79 -13.40 12.89 -28.42
CA ASP C 79 -12.51 12.06 -29.24
C ASP C 79 -12.56 12.53 -30.68
N ASN C 80 -11.39 12.79 -31.25
CA ASN C 80 -11.23 13.21 -32.65
C ASN C 80 -12.01 14.48 -32.94
N MET C 81 -11.51 15.58 -32.36
CA MET C 81 -12.04 16.90 -32.63
C MET C 81 -10.90 17.85 -32.98
N PRO C 82 -11.12 18.77 -33.90
CA PRO C 82 -10.03 19.69 -34.30
C PRO C 82 -9.76 20.72 -33.22
N LEU C 83 -8.47 20.90 -32.90
CA LEU C 83 -8.04 21.90 -31.93
C LEU C 83 -6.72 22.48 -32.44
N ARG C 84 -6.82 23.62 -33.13
CA ARG C 84 -5.66 24.32 -33.69
C ARG C 84 -4.84 23.40 -34.60
N GLY C 85 -5.53 22.85 -35.60
CA GLY C 85 -4.87 22.02 -36.59
C GLY C 85 -4.46 20.64 -36.12
N LYS C 86 -4.86 20.23 -34.92
CA LYS C 86 -4.52 18.93 -34.37
C LYS C 86 -5.77 18.09 -34.18
N GLN C 87 -5.63 16.79 -34.39
CA GLN C 87 -6.71 15.82 -34.16
C GLN C 87 -6.51 15.21 -32.79
N LEU C 88 -7.43 15.52 -31.86
CA LEU C 88 -7.31 15.00 -30.50
C LEU C 88 -7.50 13.49 -30.48
N ARG C 89 -7.05 12.89 -29.38
CA ARG C 89 -7.16 11.45 -29.16
C ARG C 89 -7.47 11.24 -27.68
N VAL C 90 -8.72 10.91 -27.37
CA VAL C 90 -9.16 10.70 -26.00
C VAL C 90 -9.47 9.22 -25.83
N ARG C 91 -8.66 8.54 -25.04
CA ARG C 91 -8.86 7.14 -24.70
C ARG C 91 -8.84 6.99 -23.18
N PHE C 92 -9.08 5.77 -22.70
CA PHE C 92 -8.94 5.48 -21.28
C PHE C 92 -7.49 5.17 -20.96
N ALA C 93 -6.93 5.89 -19.99
CA ALA C 93 -5.56 5.65 -19.57
C ALA C 93 -5.41 4.23 -19.04
N CYS C 94 -4.31 3.58 -19.43
CA CYS C 94 -4.04 2.22 -18.95
C CYS C 94 -3.73 2.29 -17.40
N HIS C 95 -4.24 1.32 -16.64
CA HIS C 95 -4.03 1.31 -15.20
C HIS C 95 -2.54 1.07 -14.89
N SER C 96 -1.98 1.90 -14.03
CA SER C 96 -0.56 1.81 -13.71
C SER C 96 -0.26 0.76 -12.64
N ALA C 97 -1.25 0.38 -11.84
CA ALA C 97 -1.03 -0.51 -10.70
C ALA C 97 -2.11 -1.58 -10.65
N SER C 98 -2.17 -2.41 -11.68
CA SER C 98 -3.16 -3.48 -11.79
C SER C 98 -2.46 -4.83 -11.71
N LEU C 99 -3.01 -5.72 -10.89
CA LEU C 99 -2.42 -7.03 -10.68
C LEU C 99 -3.45 -8.12 -10.96
N THR C 100 -2.96 -9.26 -11.43
CA THR C 100 -3.78 -10.44 -11.67
C THR C 100 -3.52 -11.45 -10.56
N VAL C 101 -4.61 -11.97 -9.97
CA VAL C 101 -4.54 -12.93 -8.89
C VAL C 101 -5.03 -14.27 -9.41
N ARG C 102 -4.16 -15.28 -9.39
CA ARG C 102 -4.51 -16.61 -9.86
C ARG C 102 -4.77 -17.54 -8.68
N ASN C 103 -5.49 -18.61 -8.96
CA ASN C 103 -5.76 -19.68 -7.99
C ASN C 103 -6.48 -19.15 -6.75
N LEU C 104 -7.58 -18.43 -6.99
CA LEU C 104 -8.41 -17.94 -5.90
C LEU C 104 -9.09 -19.12 -5.21
N PRO C 105 -9.09 -19.18 -3.89
CA PRO C 105 -9.84 -20.23 -3.19
C PRO C 105 -11.33 -19.96 -3.24
N GLN C 106 -12.10 -20.96 -2.82
CA GLN C 106 -13.54 -20.85 -2.85
C GLN C 106 -14.04 -19.85 -1.81
N TYR C 107 -15.25 -19.34 -2.05
CA TYR C 107 -15.93 -18.41 -1.14
C TYR C 107 -15.11 -17.13 -0.94
N VAL C 108 -14.60 -16.60 -2.04
CA VAL C 108 -13.87 -15.34 -2.05
C VAL C 108 -14.67 -14.34 -2.87
N SER C 109 -15.09 -13.26 -2.22
CA SER C 109 -15.88 -12.21 -2.85
C SER C 109 -14.99 -11.04 -3.24
N ASN C 110 -15.58 -10.09 -3.98
CA ASN C 110 -14.87 -8.87 -4.34
C ASN C 110 -14.46 -8.11 -3.09
N GLU C 111 -15.34 -8.03 -2.10
CA GLU C 111 -15.03 -7.30 -0.87
C GLU C 111 -13.91 -7.98 -0.10
N LEU C 112 -13.91 -9.31 -0.05
CA LEU C 112 -12.83 -10.03 0.63
C LEU C 112 -11.51 -9.86 -0.11
N LEU C 113 -11.55 -9.90 -1.44
CA LEU C 113 -10.33 -9.71 -2.22
C LEU C 113 -9.78 -8.30 -2.04
N GLU C 114 -10.66 -7.30 -1.96
CA GLU C 114 -10.21 -5.94 -1.71
C GLU C 114 -9.65 -5.80 -0.29
N GLU C 115 -10.31 -6.41 0.68
CA GLU C 115 -9.84 -6.33 2.07
C GLU C 115 -8.48 -6.99 2.22
N ALA C 116 -8.27 -8.13 1.55
CA ALA C 116 -7.02 -8.87 1.69
C ALA C 116 -5.84 -8.06 1.17
N PHE C 117 -5.99 -7.47 -0.01
CA PHE C 117 -4.89 -6.75 -0.64
C PHE C 117 -4.80 -5.29 -0.22
N SER C 118 -5.80 -4.77 0.48
CA SER C 118 -5.67 -3.44 1.08
C SER C 118 -4.62 -3.41 2.18
N VAL C 119 -4.13 -4.57 2.62
CA VAL C 119 -3.09 -4.62 3.64
C VAL C 119 -1.76 -4.13 3.09
N PHE C 120 -1.61 -4.09 1.76
CA PHE C 120 -0.38 -3.62 1.11
C PHE C 120 -0.49 -2.19 0.62
N GLY C 121 -1.65 -1.55 0.77
CA GLY C 121 -1.84 -0.21 0.26
C GLY C 121 -3.29 -0.01 -0.14
N GLN C 122 -3.59 1.21 -0.58
CA GLN C 122 -4.96 1.56 -0.92
C GLN C 122 -5.37 0.86 -2.21
N VAL C 123 -6.53 0.21 -2.17
CA VAL C 123 -7.07 -0.55 -3.29
C VAL C 123 -8.24 0.21 -3.89
N GLU C 124 -8.17 0.49 -5.19
CA GLU C 124 -9.27 1.15 -5.88
C GLU C 124 -10.41 0.18 -6.18
N ARG C 125 -10.08 -1.02 -6.64
CA ARG C 125 -11.09 -1.95 -7.11
C ARG C 125 -10.52 -3.37 -7.07
N ALA C 126 -11.36 -4.32 -6.66
CA ALA C 126 -11.00 -5.73 -6.68
C ALA C 126 -12.19 -6.52 -7.22
N VAL C 127 -11.93 -7.38 -8.20
CA VAL C 127 -12.98 -8.13 -8.88
C VAL C 127 -12.60 -9.61 -8.87
N VAL C 128 -13.55 -10.45 -8.44
CA VAL C 128 -13.43 -11.90 -8.58
C VAL C 128 -14.07 -12.27 -9.92
N ILE C 129 -13.25 -12.70 -10.88
CA ILE C 129 -13.74 -12.96 -12.22
C ILE C 129 -14.72 -14.14 -12.21
N VAL C 130 -15.88 -13.95 -12.83
CA VAL C 130 -16.97 -14.91 -12.81
C VAL C 130 -17.34 -15.25 -14.25
N ASP C 131 -17.68 -16.53 -14.47
CA ASP C 131 -17.99 -16.97 -15.83
C ASP C 131 -19.42 -16.65 -16.23
N ASP C 132 -19.91 -17.27 -17.30
CA ASP C 132 -21.25 -16.99 -17.79
C ASP C 132 -22.34 -17.52 -16.86
N ARG C 133 -22.02 -18.51 -16.03
CA ARG C 133 -22.98 -19.11 -15.11
C ARG C 133 -22.88 -18.55 -13.70
N GLY C 134 -22.23 -17.39 -13.54
CA GLY C 134 -22.09 -16.76 -12.24
C GLY C 134 -21.08 -17.40 -11.31
N ARG C 135 -20.37 -18.44 -11.76
CA ARG C 135 -19.42 -19.12 -10.89
C ARG C 135 -18.02 -18.55 -11.09
N PRO C 136 -17.22 -18.46 -10.03
CA PRO C 136 -15.88 -17.89 -10.16
C PRO C 136 -14.96 -18.79 -10.97
N SER C 137 -14.06 -18.16 -11.71
CA SER C 137 -13.12 -18.86 -12.57
C SER C 137 -11.79 -19.16 -11.89
N GLY C 138 -11.52 -18.56 -10.73
CA GLY C 138 -10.26 -18.71 -10.05
C GLY C 138 -9.31 -17.54 -10.22
N LYS C 139 -9.54 -16.70 -11.23
CA LYS C 139 -8.72 -15.51 -11.45
C LYS C 139 -9.43 -14.28 -10.87
N GLY C 140 -8.63 -13.24 -10.63
CA GLY C 140 -9.14 -12.01 -10.07
C GLY C 140 -8.31 -10.82 -10.50
N ILE C 141 -8.87 -9.64 -10.31
CA ILE C 141 -8.20 -8.38 -10.62
C ILE C 141 -8.11 -7.55 -9.35
N VAL C 142 -6.93 -6.99 -9.09
CA VAL C 142 -6.72 -6.07 -7.98
C VAL C 142 -6.05 -4.83 -8.54
N GLU C 143 -6.72 -3.68 -8.43
CA GLU C 143 -6.22 -2.41 -8.93
C GLU C 143 -5.94 -1.49 -7.74
N PHE C 144 -4.67 -1.14 -7.57
CA PHE C 144 -4.27 -0.25 -6.49
C PHE C 144 -4.31 1.20 -6.95
N SER C 145 -4.34 2.11 -5.96
CA SER C 145 -4.35 3.53 -6.27
C SER C 145 -3.02 3.99 -6.86
N GLY C 146 -1.92 3.35 -6.48
CA GLY C 146 -0.60 3.75 -6.95
C GLY C 146 0.33 2.58 -7.10
N LYS C 147 1.41 2.81 -7.86
CA LYS C 147 2.40 1.77 -8.07
C LYS C 147 3.09 1.28 -6.80
N PRO C 148 3.42 2.11 -5.81
CA PRO C 148 4.09 1.57 -4.61
C PRO C 148 3.32 0.45 -3.93
N ALA C 149 1.99 0.54 -3.90
CA ALA C 149 1.21 -0.52 -3.27
C ALA C 149 1.19 -1.79 -4.11
N ALA C 150 1.12 -1.64 -5.44
CA ALA C 150 1.11 -2.82 -6.31
C ALA C 150 2.43 -3.56 -6.26
N ARG C 151 3.55 -2.82 -6.24
CA ARG C 151 4.85 -3.47 -6.19
C ARG C 151 5.09 -4.15 -4.86
N LYS C 152 4.55 -3.59 -3.78
CA LYS C 152 4.67 -4.24 -2.47
C LYS C 152 3.90 -5.55 -2.44
N ALA C 153 2.62 -5.52 -2.85
CA ALA C 153 1.83 -6.74 -2.87
C ALA C 153 2.41 -7.77 -3.83
N LEU C 154 3.04 -7.32 -4.91
CA LEU C 154 3.62 -8.25 -5.87
C LEU C 154 4.84 -8.96 -5.29
N ASP C 155 5.63 -8.26 -4.47
CA ASP C 155 6.82 -8.86 -3.90
C ASP C 155 6.50 -9.67 -2.65
N ARG C 156 5.61 -9.17 -1.80
CA ARG C 156 5.24 -9.88 -0.59
C ARG C 156 4.56 -11.21 -0.91
N CYS C 157 3.76 -11.25 -1.98
CA CYS C 157 3.05 -12.47 -2.35
C CYS C 157 3.91 -13.44 -3.15
N SER C 158 5.10 -13.03 -3.56
CA SER C 158 6.02 -13.95 -4.22
C SER C 158 7.03 -14.55 -3.24
N GLU C 159 7.35 -13.82 -2.16
CA GLU C 159 8.25 -14.33 -1.14
C GLU C 159 7.52 -15.28 -0.19
N GLY C 160 6.42 -14.82 0.42
CA GLY C 160 5.63 -15.63 1.30
C GLY C 160 4.35 -16.12 0.64
N SER C 161 3.63 -16.97 1.38
CA SER C 161 2.39 -17.57 0.92
C SER C 161 1.22 -16.76 1.49
N PHE C 162 0.49 -16.09 0.61
CA PHE C 162 -0.64 -15.25 1.01
C PHE C 162 -1.92 -16.08 0.93
N LEU C 163 -2.52 -16.35 2.08
CA LEU C 163 -3.73 -17.16 2.18
C LEU C 163 -4.93 -16.25 2.41
N LEU C 164 -5.94 -16.37 1.55
CA LEU C 164 -7.15 -15.57 1.70
C LEU C 164 -8.15 -16.22 2.65
N THR C 165 -8.25 -17.55 2.65
CA THR C 165 -9.17 -18.26 3.52
C THR C 165 -8.43 -19.33 4.31
N THR C 166 -9.18 -20.25 4.93
CA THR C 166 -8.57 -21.35 5.65
C THR C 166 -7.97 -22.40 4.74
N PHE C 167 -8.29 -22.38 3.45
CA PHE C 167 -7.76 -23.37 2.52
C PHE C 167 -6.26 -23.17 2.37
N PRO C 168 -5.44 -24.19 2.65
CA PRO C 168 -3.97 -24.01 2.67
C PRO C 168 -3.35 -23.91 1.28
N ARG C 169 -3.74 -22.88 0.54
CA ARG C 169 -3.19 -22.68 -0.80
C ARG C 169 -2.98 -21.19 -1.05
N PRO C 170 -1.76 -20.76 -1.33
CA PRO C 170 -1.51 -19.34 -1.58
C PRO C 170 -1.95 -18.92 -2.97
N VAL C 171 -2.26 -17.64 -3.09
CA VAL C 171 -2.64 -17.05 -4.37
C VAL C 171 -1.38 -16.63 -5.12
N THR C 172 -1.44 -16.70 -6.44
CA THR C 172 -0.35 -16.27 -7.31
C THR C 172 -0.66 -14.90 -7.86
N VAL C 173 0.19 -13.93 -7.55
CA VAL C 173 -0.01 -12.54 -7.95
C VAL C 173 1.02 -12.18 -9.01
N GLU C 174 0.54 -11.64 -10.12
CA GLU C 174 1.37 -11.25 -11.25
C GLU C 174 0.83 -9.96 -11.83
N PRO C 175 1.68 -9.18 -12.52
CA PRO C 175 1.19 -7.93 -13.13
C PRO C 175 0.12 -8.21 -14.18
N MET C 176 -0.91 -7.37 -14.16
CA MET C 176 -2.01 -7.51 -15.12
C MET C 176 -1.48 -7.32 -16.54
N ASP C 177 -1.70 -8.32 -17.39
CA ASP C 177 -1.35 -8.22 -18.80
C ASP C 177 -2.46 -7.43 -19.48
N GLN C 178 -2.20 -6.14 -19.72
CA GLN C 178 -3.23 -5.24 -20.20
C GLN C 178 -3.42 -5.41 -21.70
N LEU C 179 -4.62 -5.83 -22.10
CA LEU C 179 -4.98 -6.01 -23.50
C LEU C 179 -6.13 -5.10 -23.86
N ASP C 180 -6.21 -4.74 -25.14
CA ASP C 180 -7.26 -3.87 -25.66
C ASP C 180 -8.10 -4.65 -26.65
N ASP C 181 -9.33 -4.98 -26.25
CA ASP C 181 -10.27 -5.67 -27.11
C ASP C 181 -11.46 -4.80 -27.48
N GLU C 182 -11.35 -3.48 -27.30
CA GLU C 182 -12.41 -2.53 -27.61
C GLU C 182 -12.10 -1.71 -28.85
N GLU C 183 -10.96 -1.01 -28.86
CA GLU C 183 -10.52 -0.23 -30.02
C GLU C 183 -9.81 -1.08 -31.06
N GLY C 184 -9.04 -2.07 -30.64
CA GLY C 184 -8.41 -2.98 -31.57
C GLY C 184 -7.32 -2.32 -32.40
N LEU C 185 -7.17 -2.80 -33.63
CA LEU C 185 -6.18 -2.27 -34.58
C LEU C 185 -6.88 -1.74 -35.81
N PRO C 186 -7.15 -0.43 -35.88
CA PRO C 186 -7.79 0.12 -37.08
C PRO C 186 -6.88 0.04 -38.29
N GLU C 187 -7.50 0.02 -39.46
CA GLU C 187 -6.75 -0.08 -40.72
C GLU C 187 -5.84 1.13 -40.90
N LYS C 188 -6.27 2.31 -40.46
CA LYS C 188 -5.48 3.52 -40.62
C LYS C 188 -4.21 3.52 -39.79
N LEU C 189 -4.13 2.68 -38.76
CA LEU C 189 -2.96 2.62 -37.88
C LEU C 189 -1.99 1.50 -38.26
N VAL C 190 -2.24 0.81 -39.36
CA VAL C 190 -1.37 -0.29 -39.79
C VAL C 190 -0.22 0.29 -40.61
N ILE C 191 1.00 -0.18 -40.32
CA ILE C 191 2.17 0.31 -41.04
C ILE C 191 2.11 -0.18 -42.48
N LYS C 192 2.32 0.74 -43.43
CA LYS C 192 2.29 0.43 -44.85
C LYS C 192 3.71 0.26 -45.38
N ASN C 193 4.30 -0.88 -45.03
CA ASN C 193 5.66 -1.20 -45.43
C ASN C 193 5.64 -2.13 -46.64
N GLN C 194 6.76 -2.82 -46.89
CA GLN C 194 6.80 -3.78 -47.98
C GLN C 194 6.04 -5.06 -47.64
N GLN C 195 6.10 -5.47 -46.38
CA GLN C 195 5.40 -6.69 -45.96
C GLN C 195 3.89 -6.51 -45.95
N PHE C 196 3.41 -5.27 -45.80
CA PHE C 196 1.97 -5.02 -45.83
C PHE C 196 1.39 -5.35 -47.20
N HIS C 197 1.92 -4.70 -48.25
CA HIS C 197 1.42 -4.97 -49.59
C HIS C 197 1.72 -6.39 -50.03
N LYS C 198 2.75 -7.01 -49.46
CA LYS C 198 3.05 -8.41 -49.78
C LYS C 198 2.01 -9.34 -49.16
N GLU C 199 1.58 -9.06 -47.94
CA GLU C 199 0.60 -9.90 -47.27
C GLU C 199 -0.84 -9.56 -47.67
N ARG C 200 -1.06 -8.41 -48.31
CA ARG C 200 -2.39 -8.00 -48.73
C ARG C 200 -2.68 -8.30 -50.20
N GLU C 201 -1.73 -8.91 -50.92
CA GLU C 201 -1.95 -9.17 -52.34
C GLU C 201 -2.96 -10.29 -52.57
N GLN C 202 -3.22 -11.12 -51.56
CA GLN C 202 -4.25 -12.13 -51.66
C GLN C 202 -5.37 -11.83 -50.67
N PRO C 203 -6.62 -11.82 -51.12
CA PRO C 203 -7.74 -11.48 -50.22
C PRO C 203 -8.01 -12.63 -49.25
N PRO C 204 -8.89 -12.43 -48.28
CA PRO C 204 -9.30 -13.54 -47.42
C PRO C 204 -10.06 -14.60 -48.22
N ARG C 205 -9.65 -15.85 -48.07
CA ARG C 205 -10.23 -16.95 -48.85
C ARG C 205 -9.78 -18.27 -48.23
N PHE C 206 -10.35 -19.35 -48.73
CA PHE C 206 -9.95 -20.70 -48.35
C PHE C 206 -8.97 -21.26 -49.37
N ALA C 207 -7.94 -21.95 -48.88
CA ALA C 207 -6.97 -22.57 -49.76
C ALA C 207 -7.63 -23.70 -50.55
N GLN C 208 -7.55 -23.62 -51.88
CA GLN C 208 -8.18 -24.62 -52.72
C GLN C 208 -7.22 -25.77 -53.01
N PRO C 209 -7.74 -26.99 -53.12
CA PRO C 209 -6.86 -28.14 -53.40
C PRO C 209 -6.22 -28.01 -54.77
N GLY C 210 -4.95 -28.43 -54.84
CA GLY C 210 -4.18 -28.31 -56.07
C GLY C 210 -3.50 -26.98 -56.28
N SER C 211 -3.60 -26.07 -55.31
CA SER C 211 -2.96 -24.77 -55.43
C SER C 211 -1.53 -24.82 -54.89
N PHE C 212 -0.76 -23.78 -55.21
CA PHE C 212 0.62 -23.69 -54.78
C PHE C 212 0.77 -23.51 -53.27
N GLU C 213 -0.31 -23.19 -52.56
CA GLU C 213 -0.26 -22.95 -51.13
C GLU C 213 -1.16 -23.88 -50.32
N TYR C 214 -1.85 -24.82 -50.98
CA TYR C 214 -2.73 -25.72 -50.23
C TYR C 214 -1.94 -26.63 -49.31
N GLU C 215 -0.86 -27.22 -49.82
CA GLU C 215 0.01 -28.05 -48.98
C GLU C 215 0.68 -27.22 -47.90
N TYR C 216 0.91 -25.93 -48.15
CA TYR C 216 1.45 -25.05 -47.12
C TYR C 216 0.43 -24.82 -46.01
N ALA C 217 -0.84 -24.62 -46.37
CA ALA C 217 -1.86 -24.39 -45.35
C ALA C 217 -2.15 -25.65 -44.55
N MET C 218 -2.20 -26.81 -45.22
CA MET C 218 -2.41 -28.07 -44.51
C MET C 218 -1.22 -28.39 -43.61
N ARG C 219 -0.03 -27.90 -43.97
CA ARG C 219 1.14 -28.08 -43.10
C ARG C 219 0.96 -27.36 -41.77
N TRP C 220 0.45 -26.13 -41.82
CA TRP C 220 0.21 -25.38 -40.59
C TRP C 220 -0.98 -25.92 -39.83
N LYS C 221 -2.07 -26.24 -40.53
CA LYS C 221 -3.26 -26.75 -39.86
C LYS C 221 -2.99 -28.08 -39.17
N ALA C 222 -2.10 -28.90 -39.73
CA ALA C 222 -1.72 -30.14 -39.06
C ALA C 222 -0.83 -29.88 -37.86
N LEU C 223 0.06 -28.88 -37.96
CA LEU C 223 0.94 -28.56 -36.84
C LEU C 223 0.19 -27.80 -35.74
N ILE C 224 -0.70 -26.88 -36.11
CA ILE C 224 -1.49 -26.15 -35.11
C ILE C 224 -2.37 -27.12 -34.33
N GLU C 225 -2.99 -28.08 -35.04
CA GLU C 225 -3.77 -29.09 -34.34
C GLU C 225 -2.88 -30.01 -33.52
N MET C 226 -1.63 -30.22 -33.96
CA MET C 226 -0.71 -31.03 -33.17
C MET C 226 -0.23 -30.28 -31.93
N GLU C 227 -0.10 -28.96 -32.02
CA GLU C 227 0.22 -28.16 -30.84
C GLU C 227 -0.92 -28.21 -29.82
N LYS C 228 -2.16 -28.39 -30.30
CA LYS C 228 -3.30 -28.55 -29.40
C LYS C 228 -3.15 -29.80 -28.53
N GLN C 229 -2.49 -30.83 -29.04
CA GLN C 229 -2.40 -32.10 -28.32
C GLN C 229 -1.50 -31.96 -27.09
N GLN C 230 -0.33 -31.36 -27.25
CA GLN C 230 0.57 -31.20 -26.11
C GLN C 230 -0.04 -30.32 -25.03
N GLN C 231 -0.75 -29.26 -25.44
CA GLN C 231 -1.45 -28.43 -24.46
C GLN C 231 -2.59 -29.20 -23.80
N ASP C 232 -3.32 -29.99 -24.58
CA ASP C 232 -4.36 -30.84 -24.00
C ASP C 232 -3.77 -31.86 -23.03
N GLN C 233 -2.54 -32.32 -23.30
CA GLN C 233 -1.92 -33.28 -22.41
C GLN C 233 -1.46 -32.63 -21.11
N VAL C 234 -0.72 -31.51 -21.22
CA VAL C 234 -0.24 -30.81 -20.03
C VAL C 234 -1.37 -30.17 -19.24
N ASP C 235 -2.57 -30.05 -19.82
CA ASP C 235 -3.71 -29.54 -19.06
C ASP C 235 -4.18 -30.57 -18.03
N ARG C 236 -4.40 -31.81 -18.47
CA ARG C 236 -4.83 -32.85 -17.55
C ARG C 236 -3.67 -33.43 -16.75
N ASN C 237 -2.45 -33.36 -17.27
CA ASN C 237 -1.29 -33.73 -16.48
C ASN C 237 -1.12 -32.79 -15.29
N ILE C 238 -1.42 -31.51 -15.48
CA ILE C 238 -1.34 -30.55 -14.38
C ILE C 238 -2.61 -30.60 -13.54
N LYS C 239 -3.76 -30.82 -14.17
CA LYS C 239 -5.01 -30.93 -13.42
C LYS C 239 -4.99 -32.14 -12.50
N GLU C 240 -4.37 -33.24 -12.94
CA GLU C 240 -4.23 -34.41 -12.08
C GLU C 240 -3.22 -34.14 -10.96
N ALA C 241 -2.16 -33.40 -11.26
CA ALA C 241 -1.20 -33.05 -10.21
C ALA C 241 -1.84 -32.15 -9.16
N ARG C 242 -2.61 -31.16 -9.59
CA ARG C 242 -3.38 -30.35 -8.65
C ARG C 242 -4.51 -31.14 -8.02
N GLU C 243 -4.98 -32.21 -8.67
CA GLU C 243 -6.04 -33.03 -8.09
C GLU C 243 -5.56 -33.77 -6.85
N LYS C 244 -4.35 -34.33 -6.90
CA LYS C 244 -3.85 -35.11 -5.78
C LYS C 244 -3.48 -34.22 -4.60
N LEU C 245 -2.95 -33.03 -4.87
CA LEU C 245 -2.51 -32.15 -3.80
C LEU C 245 -3.67 -31.42 -3.13
N GLU C 246 -4.56 -30.83 -3.93
CA GLU C 246 -5.70 -30.11 -3.37
C GLU C 246 -6.59 -31.05 -2.57
N MET C 247 -6.72 -32.30 -3.02
CA MET C 247 -7.52 -33.27 -2.26
C MET C 247 -6.89 -33.57 -0.91
N GLU C 248 -5.55 -33.59 -0.86
CA GLU C 248 -4.87 -33.75 0.42
C GLU C 248 -5.01 -32.49 1.27
N MET C 249 -5.09 -31.32 0.65
CA MET C 249 -5.30 -30.09 1.40
C MET C 249 -6.66 -30.09 2.08
N GLU C 250 -7.70 -30.58 1.38
CA GLU C 250 -9.04 -30.63 1.97
C GLU C 250 -9.06 -31.52 3.21
N ALA C 251 -8.39 -32.67 3.14
CA ALA C 251 -8.38 -33.59 4.27
C ALA C 251 -7.52 -33.07 5.42
N ALA C 252 -6.49 -32.29 5.12
CA ALA C 252 -5.65 -31.73 6.18
C ALA C 252 -6.34 -30.56 6.86
N ARG C 253 -6.97 -29.67 6.09
CA ARG C 253 -7.74 -28.58 6.67
C ARG C 253 -8.90 -29.11 7.50
N HIS C 254 -9.48 -30.23 7.10
CA HIS C 254 -10.51 -30.88 7.90
C HIS C 254 -9.92 -31.62 9.10
N GLU C 255 -8.70 -32.14 8.98
CA GLU C 255 -8.06 -32.81 10.10
C GLU C 255 -7.69 -31.82 11.20
N HIS C 256 -7.37 -30.59 10.83
CA HIS C 256 -7.14 -29.53 11.80
C HIS C 256 -8.43 -29.26 12.56
N GLN C 257 -9.26 -28.36 12.02
CA GLN C 257 -10.62 -28.16 12.50
C GLN C 257 -11.42 -27.34 11.51
N ILE D 6 -27.85 16.86 -17.01
CA ILE D 6 -26.80 17.31 -17.90
C ILE D 6 -27.07 16.78 -19.31
N ASP D 7 -27.12 17.67 -20.29
CA ASP D 7 -27.46 17.29 -21.65
C ASP D 7 -26.22 17.00 -22.49
N LEU D 8 -26.38 16.10 -23.45
CA LEU D 8 -25.31 15.77 -24.38
C LEU D 8 -25.78 16.05 -25.81
N LYS D 9 -25.21 15.33 -26.78
CA LYS D 9 -25.59 15.51 -28.17
C LYS D 9 -25.74 14.16 -28.88
N ASN D 10 -24.93 13.92 -29.91
CA ASN D 10 -24.94 12.64 -30.63
C ASN D 10 -23.53 12.38 -31.17
N PHE D 11 -22.66 11.93 -30.27
CA PHE D 11 -21.29 11.53 -30.61
C PHE D 11 -20.51 12.67 -31.25
N GLU D 16 -21.95 3.47 -36.64
CA GLU D 16 -21.80 2.46 -37.68
C GLU D 16 -22.91 1.41 -37.59
N LYS D 17 -22.56 0.23 -37.09
CA LYS D 17 -23.53 -0.84 -36.92
C LYS D 17 -24.53 -0.46 -35.83
N THR D 18 -25.81 -0.45 -36.19
CA THR D 18 -26.88 -0.08 -35.28
C THR D 18 -27.74 -1.29 -34.94
N PHE D 19 -28.35 -1.25 -33.75
CA PHE D 19 -29.25 -2.30 -33.28
C PHE D 19 -28.56 -3.67 -33.26
N THR D 20 -27.39 -3.70 -32.64
CA THR D 20 -26.61 -4.93 -32.49
C THR D 20 -26.83 -5.51 -31.10
N GLN D 21 -26.23 -6.69 -30.87
CA GLN D 21 -26.31 -7.30 -29.55
C GLN D 21 -25.47 -6.55 -28.51
N ARG D 22 -24.56 -5.68 -28.97
CA ARG D 22 -23.82 -4.85 -28.03
C ARG D 22 -24.73 -3.85 -27.32
N SER D 23 -25.81 -3.43 -27.97
CA SER D 23 -26.78 -2.51 -27.40
C SER D 23 -27.97 -3.22 -26.77
N ARG D 24 -27.93 -4.54 -26.69
CA ARG D 24 -29.03 -5.33 -26.13
C ARG D 24 -28.89 -5.39 -24.61
N LEU D 25 -29.87 -4.84 -23.90
CA LEU D 25 -29.86 -4.78 -22.46
C LEU D 25 -30.87 -5.75 -21.86
N PHE D 26 -30.52 -6.31 -20.70
CA PHE D 26 -31.38 -7.21 -19.96
C PHE D 26 -31.93 -6.50 -18.74
N VAL D 27 -33.24 -6.58 -18.54
CA VAL D 27 -33.89 -6.01 -17.37
C VAL D 27 -34.38 -7.15 -16.48
N GLY D 28 -34.40 -6.90 -15.18
CA GLY D 28 -34.81 -7.90 -14.22
C GLY D 28 -35.63 -7.29 -13.11
N ASN D 29 -36.29 -8.17 -12.35
CA ASN D 29 -37.17 -7.77 -11.24
C ASN D 29 -38.25 -6.82 -11.71
N LEU D 30 -38.89 -7.17 -12.81
CA LEU D 30 -39.97 -6.35 -13.35
C LEU D 30 -41.23 -6.50 -12.50
N PRO D 31 -42.03 -5.45 -12.36
CA PRO D 31 -43.28 -5.57 -11.62
C PRO D 31 -44.30 -6.39 -12.40
N PRO D 32 -45.35 -6.87 -11.74
CA PRO D 32 -46.41 -7.57 -12.48
C PRO D 32 -47.11 -6.69 -13.50
N ASP D 33 -46.98 -5.37 -13.38
CA ASP D 33 -47.53 -4.44 -14.37
C ASP D 33 -46.62 -4.40 -15.59
N ILE D 34 -46.25 -3.17 -16.01
CA ILE D 34 -45.32 -2.92 -17.11
C ILE D 34 -45.92 -3.36 -18.45
N THR D 35 -45.83 -2.48 -19.44
CA THR D 35 -46.20 -2.78 -20.81
C THR D 35 -45.06 -2.36 -21.73
N GLU D 36 -45.14 -2.78 -22.99
CA GLU D 36 -44.15 -2.34 -23.97
C GLU D 36 -44.25 -0.85 -24.23
N GLU D 37 -45.35 -0.21 -23.84
CA GLU D 37 -45.45 1.24 -23.90
C GLU D 37 -44.53 1.89 -22.87
N GLU D 38 -44.68 1.51 -21.59
CA GLU D 38 -43.81 2.05 -20.56
C GLU D 38 -42.40 1.49 -20.68
N MET D 39 -42.25 0.29 -21.22
CA MET D 39 -40.92 -0.27 -21.43
C MET D 39 -40.11 0.58 -22.40
N ARG D 40 -40.73 0.98 -23.51
CA ARG D 40 -40.07 1.86 -24.46
C ARG D 40 -39.99 3.30 -23.96
N LYS D 41 -40.98 3.74 -23.19
CA LYS D 41 -40.95 5.10 -22.66
C LYS D 41 -39.82 5.25 -21.63
N LEU D 42 -39.63 4.23 -20.79
CA LEU D 42 -38.52 4.26 -19.84
C LEU D 42 -37.17 4.28 -20.54
N PHE D 43 -37.11 3.78 -21.78
CA PHE D 43 -35.88 3.81 -22.57
C PHE D 43 -35.96 4.76 -23.75
N GLU D 44 -37.05 5.52 -23.91
CA GLU D 44 -37.10 6.55 -24.94
C GLU D 44 -36.14 7.70 -24.64
N LYS D 45 -35.62 7.77 -23.42
CA LYS D 45 -34.64 8.79 -23.07
C LYS D 45 -33.34 8.63 -23.85
N TYR D 46 -33.14 7.47 -24.48
CA TYR D 46 -31.89 7.19 -25.21
C TYR D 46 -32.19 6.84 -26.65
N GLY D 47 -32.99 7.67 -27.33
CA GLY D 47 -33.35 7.42 -28.71
C GLY D 47 -34.44 6.38 -28.84
N LYS D 48 -34.84 6.13 -30.08
CA LYS D 48 -35.88 5.15 -30.36
C LYS D 48 -35.38 3.75 -30.08
N ALA D 49 -36.25 2.93 -29.49
CA ALA D 49 -35.90 1.57 -29.11
C ALA D 49 -36.15 0.61 -30.27
N GLY D 50 -35.43 -0.51 -30.25
CA GLY D 50 -35.56 -1.51 -31.28
C GLY D 50 -36.40 -2.70 -30.87
N GLU D 51 -35.78 -3.87 -30.77
CA GLU D 51 -36.50 -5.08 -30.39
C GLU D 51 -36.86 -5.03 -28.91
N VAL D 52 -38.12 -5.36 -28.61
CA VAL D 52 -38.61 -5.45 -27.24
C VAL D 52 -39.20 -6.84 -27.02
N PHE D 53 -38.95 -7.40 -25.84
CA PHE D 53 -39.46 -8.73 -25.51
C PHE D 53 -39.42 -8.87 -23.99
N ILE D 54 -40.58 -8.71 -23.35
CA ILE D 54 -40.73 -8.85 -21.91
C ILE D 54 -41.56 -10.10 -21.64
N HIS D 55 -41.11 -10.91 -20.68
CA HIS D 55 -41.84 -12.12 -20.33
C HIS D 55 -43.10 -11.76 -19.54
N LYS D 56 -44.22 -12.38 -19.89
CA LYS D 56 -45.50 -11.98 -19.34
C LYS D 56 -45.66 -12.35 -17.86
N ASP D 57 -44.90 -13.34 -17.37
CA ASP D 57 -45.12 -13.82 -16.00
C ASP D 57 -43.83 -14.34 -15.39
N LYS D 58 -42.73 -13.60 -15.57
CA LYS D 58 -41.47 -13.96 -14.95
C LYS D 58 -40.65 -12.79 -14.44
N GLY D 59 -40.85 -11.58 -14.93
CA GLY D 59 -40.17 -10.41 -14.40
C GLY D 59 -38.87 -10.05 -15.06
N PHE D 60 -38.64 -10.47 -16.30
CA PHE D 60 -37.43 -10.11 -17.02
C PHE D 60 -37.79 -9.81 -18.47
N GLY D 61 -36.86 -9.16 -19.17
CA GLY D 61 -37.08 -8.81 -20.56
C GLY D 61 -35.78 -8.37 -21.21
N PHE D 62 -35.89 -8.05 -22.50
CA PHE D 62 -34.76 -7.59 -23.29
C PHE D 62 -35.15 -6.34 -24.04
N ILE D 63 -34.27 -5.33 -24.00
CA ILE D 63 -34.46 -4.08 -24.72
C ILE D 63 -33.22 -3.83 -25.55
N ARG D 64 -33.41 -3.53 -26.84
CA ARG D 64 -32.31 -3.31 -27.78
C ARG D 64 -32.24 -1.82 -28.09
N LEU D 65 -31.21 -1.16 -27.59
CA LEU D 65 -30.97 0.25 -27.87
C LEU D 65 -30.31 0.39 -29.24
N GLU D 66 -29.91 1.61 -29.59
CA GLU D 66 -29.34 1.90 -30.90
C GLU D 66 -27.85 1.59 -30.98
N THR D 67 -27.10 1.81 -29.91
CA THR D 67 -25.66 1.59 -29.95
C THR D 67 -25.18 1.17 -28.56
N ARG D 68 -23.92 0.71 -28.52
CA ARG D 68 -23.31 0.32 -27.25
C ARG D 68 -23.18 1.52 -26.31
N THR D 69 -22.95 2.71 -26.85
CA THR D 69 -22.77 3.89 -26.01
C THR D 69 -24.04 4.25 -25.26
N LEU D 70 -25.19 4.25 -25.96
CA LEU D 70 -26.45 4.56 -25.30
C LEU D 70 -26.83 3.49 -24.28
N ALA D 71 -26.47 2.24 -24.53
CA ALA D 71 -26.77 1.18 -23.57
C ALA D 71 -25.90 1.27 -22.33
N GLU D 72 -24.71 1.86 -22.45
CA GLU D 72 -23.84 2.02 -21.29
C GLU D 72 -24.37 3.11 -20.36
N ILE D 73 -24.95 4.18 -20.92
CA ILE D 73 -25.51 5.24 -20.09
C ILE D 73 -26.80 4.77 -19.43
N ALA D 74 -27.67 4.08 -20.18
CA ALA D 74 -28.88 3.52 -19.60
C ALA D 74 -28.57 2.43 -18.57
N LYS D 75 -27.38 1.85 -18.64
CA LYS D 75 -26.98 0.83 -17.66
C LYS D 75 -26.89 1.43 -16.26
N VAL D 76 -26.25 2.59 -16.14
CA VAL D 76 -25.99 3.15 -14.81
C VAL D 76 -27.22 3.81 -14.21
N GLU D 77 -28.07 4.42 -15.04
CA GLU D 77 -29.24 5.12 -14.52
C GLU D 77 -30.29 4.16 -13.99
N LEU D 78 -30.78 3.26 -14.84
CA LEU D 78 -31.94 2.45 -14.51
C LEU D 78 -31.61 1.21 -13.69
N ASP D 79 -30.33 0.92 -13.43
CA ASP D 79 -29.97 -0.21 -12.59
C ASP D 79 -30.18 0.15 -11.13
N ASN D 80 -30.90 -0.72 -10.41
CA ASN D 80 -31.20 -0.52 -8.99
C ASN D 80 -31.90 0.83 -8.76
N MET D 81 -32.95 1.06 -9.53
CA MET D 81 -33.77 2.26 -9.37
C MET D 81 -35.18 1.88 -8.95
N PRO D 82 -35.85 2.71 -8.15
CA PRO D 82 -37.18 2.36 -7.68
C PRO D 82 -38.22 2.40 -8.80
N LEU D 83 -39.06 1.38 -8.84
CA LEU D 83 -40.12 1.30 -9.86
C LEU D 83 -41.24 0.41 -9.29
N ARG D 84 -42.20 1.06 -8.62
CA ARG D 84 -43.37 0.40 -8.05
C ARG D 84 -42.96 -0.74 -7.11
N GLY D 85 -42.18 -0.38 -6.10
CA GLY D 85 -41.79 -1.32 -5.07
C GLY D 85 -40.67 -2.25 -5.47
N LYS D 86 -40.62 -2.64 -6.74
CA LYS D 86 -39.60 -3.56 -7.21
C LYS D 86 -38.29 -2.82 -7.47
N GLN D 87 -37.18 -3.49 -7.18
CA GLN D 87 -35.85 -2.94 -7.40
C GLN D 87 -35.33 -3.49 -8.72
N LEU D 88 -35.38 -2.66 -9.76
CA LEU D 88 -34.98 -3.08 -11.09
C LEU D 88 -33.48 -3.39 -11.13
N ARG D 89 -33.06 -4.03 -12.22
CA ARG D 89 -31.66 -4.31 -12.46
C ARG D 89 -31.43 -4.43 -13.96
N VAL D 90 -30.48 -3.66 -14.47
CA VAL D 90 -30.16 -3.65 -15.90
C VAL D 90 -28.75 -4.19 -16.08
N ARG D 91 -28.63 -5.20 -16.95
CA ARG D 91 -27.34 -5.78 -17.29
C ARG D 91 -27.25 -5.98 -18.79
N PHE D 92 -26.03 -5.95 -19.30
CA PHE D 92 -25.81 -6.17 -20.73
C PHE D 92 -26.12 -7.61 -21.09
N ALA D 93 -26.95 -7.80 -22.11
CA ALA D 93 -27.30 -9.13 -22.57
C ALA D 93 -26.08 -9.86 -23.13
N CYS D 94 -26.00 -11.16 -22.88
CA CYS D 94 -24.87 -11.98 -23.35
C CYS D 94 -24.89 -12.03 -24.92
N HIS D 95 -23.72 -12.00 -25.55
CA HIS D 95 -23.63 -12.10 -27.00
C HIS D 95 -23.79 -13.55 -27.41
N SER D 96 -24.79 -13.82 -28.25
CA SER D 96 -25.10 -15.19 -28.65
C SER D 96 -24.22 -15.71 -29.77
N ALA D 97 -23.49 -14.84 -30.46
CA ALA D 97 -22.68 -15.25 -31.61
C ALA D 97 -21.34 -14.51 -31.58
N SER D 98 -20.58 -14.70 -30.50
CA SER D 98 -19.24 -14.15 -30.36
C SER D 98 -18.22 -15.26 -30.43
N LEU D 99 -17.10 -14.98 -31.10
CA LEU D 99 -16.08 -16.00 -31.34
C LEU D 99 -14.70 -15.38 -31.18
N THR D 100 -13.75 -16.19 -30.73
CA THR D 100 -12.35 -15.79 -30.66
C THR D 100 -11.60 -16.35 -31.86
N VAL D 101 -10.66 -15.57 -32.37
CA VAL D 101 -9.83 -15.98 -33.51
C VAL D 101 -8.38 -15.94 -33.07
N ARG D 102 -7.69 -17.07 -33.21
CA ARG D 102 -6.29 -17.18 -32.86
C ARG D 102 -5.45 -17.43 -34.10
N ASN D 103 -4.13 -17.33 -33.93
CA ASN D 103 -3.17 -17.46 -35.02
C ASN D 103 -3.43 -16.44 -36.11
N LEU D 104 -3.79 -15.23 -35.72
CA LEU D 104 -4.03 -14.16 -36.68
C LEU D 104 -2.72 -13.81 -37.38
N PRO D 105 -2.72 -13.68 -38.71
CA PRO D 105 -1.51 -13.26 -39.41
C PRO D 105 -1.16 -11.82 -39.09
N GLN D 106 0.02 -11.41 -39.54
CA GLN D 106 0.46 -10.05 -39.33
C GLN D 106 -0.21 -9.11 -40.34
N TYR D 107 -0.30 -7.84 -39.97
CA TYR D 107 -0.89 -6.79 -40.79
C TYR D 107 -2.38 -7.03 -41.02
N VAL D 108 -3.06 -7.56 -40.01
CA VAL D 108 -4.50 -7.77 -40.04
C VAL D 108 -5.15 -6.73 -39.14
N SER D 109 -6.11 -5.98 -39.67
CA SER D 109 -6.79 -4.93 -38.96
C SER D 109 -8.21 -5.35 -38.59
N ASN D 110 -8.89 -4.50 -37.84
CA ASN D 110 -10.29 -4.76 -37.49
C ASN D 110 -11.15 -4.81 -38.74
N GLU D 111 -10.90 -3.93 -39.71
CA GLU D 111 -11.68 -3.92 -40.94
C GLU D 111 -11.44 -5.18 -41.75
N LEU D 112 -10.16 -5.55 -41.94
CA LEU D 112 -9.86 -6.77 -42.69
C LEU D 112 -10.45 -8.00 -42.00
N LEU D 113 -10.38 -8.03 -40.67
CA LEU D 113 -11.00 -9.13 -39.93
C LEU D 113 -12.51 -9.14 -40.12
N GLU D 114 -13.13 -7.96 -40.15
CA GLU D 114 -14.58 -7.87 -40.33
C GLU D 114 -14.97 -8.27 -41.75
N GLU D 115 -14.21 -7.82 -42.75
CA GLU D 115 -14.51 -8.18 -44.13
C GLU D 115 -14.27 -9.66 -44.39
N ALA D 116 -13.27 -10.25 -43.72
CA ALA D 116 -12.98 -11.66 -43.94
C ALA D 116 -14.12 -12.54 -43.48
N PHE D 117 -14.58 -12.38 -42.24
CA PHE D 117 -15.61 -13.24 -41.68
C PHE D 117 -17.01 -12.88 -42.13
N SER D 118 -17.17 -11.86 -42.99
CA SER D 118 -18.48 -11.55 -43.54
C SER D 118 -18.95 -12.58 -44.56
N VAL D 119 -18.09 -13.53 -44.94
CA VAL D 119 -18.50 -14.57 -45.88
C VAL D 119 -19.47 -15.55 -45.21
N PHE D 120 -19.39 -15.69 -43.90
CA PHE D 120 -20.26 -16.60 -43.17
C PHE D 120 -21.58 -15.96 -42.74
N GLY D 121 -21.71 -14.65 -42.88
CA GLY D 121 -22.91 -13.95 -42.46
C GLY D 121 -22.57 -12.55 -42.02
N GLN D 122 -23.61 -11.84 -41.58
CA GLN D 122 -23.44 -10.46 -41.15
C GLN D 122 -22.55 -10.40 -39.90
N VAL D 123 -21.59 -9.48 -39.92
CA VAL D 123 -20.65 -9.30 -38.82
C VAL D 123 -20.97 -7.97 -38.15
N GLU D 124 -21.26 -8.01 -36.85
CA GLU D 124 -21.56 -6.79 -36.11
C GLU D 124 -20.28 -6.04 -35.77
N ARG D 125 -19.27 -6.75 -35.25
CA ARG D 125 -18.05 -6.10 -34.79
C ARG D 125 -16.91 -7.11 -34.85
N ALA D 126 -15.74 -6.64 -35.26
CA ALA D 126 -14.53 -7.44 -35.27
C ALA D 126 -13.39 -6.61 -34.69
N VAL D 127 -12.60 -7.21 -33.80
CA VAL D 127 -11.55 -6.51 -33.08
C VAL D 127 -10.29 -7.34 -33.09
N VAL D 128 -9.20 -6.75 -33.57
CA VAL D 128 -7.87 -7.36 -33.47
C VAL D 128 -7.26 -6.89 -32.14
N ILE D 129 -7.13 -7.81 -31.19
CA ILE D 129 -6.67 -7.45 -29.86
C ILE D 129 -5.24 -6.95 -29.93
N VAL D 130 -4.97 -5.83 -29.26
CA VAL D 130 -3.66 -5.19 -29.26
C VAL D 130 -3.14 -5.13 -27.83
N ASP D 131 -1.83 -4.98 -27.71
CA ASP D 131 -1.19 -4.92 -26.40
C ASP D 131 -0.89 -3.47 -26.01
N ASP D 132 -0.04 -3.28 -25.01
CA ASP D 132 0.26 -1.94 -24.50
C ASP D 132 1.16 -1.14 -25.43
N ARG D 133 1.94 -1.80 -26.28
CA ARG D 133 2.86 -1.10 -27.18
C ARG D 133 2.30 -0.93 -28.58
N GLY D 134 1.02 -1.26 -28.79
CA GLY D 134 0.41 -1.12 -30.10
C GLY D 134 0.69 -2.25 -31.07
N ARG D 135 1.19 -3.40 -30.58
CA ARG D 135 1.47 -4.54 -31.44
C ARG D 135 0.34 -5.57 -31.34
N PRO D 136 0.04 -6.27 -32.43
CA PRO D 136 -1.04 -7.26 -32.37
C PRO D 136 -0.66 -8.45 -31.50
N SER D 137 -1.64 -8.95 -30.76
CA SER D 137 -1.44 -10.07 -29.85
C SER D 137 -1.72 -11.42 -30.50
N GLY D 138 -2.07 -11.45 -31.78
CA GLY D 138 -2.41 -12.68 -32.46
C GLY D 138 -3.81 -13.18 -32.23
N LYS D 139 -4.53 -12.64 -31.24
CA LYS D 139 -5.90 -13.02 -30.97
C LYS D 139 -6.85 -11.93 -31.44
N GLY D 140 -8.11 -12.33 -31.67
CA GLY D 140 -9.12 -11.40 -32.15
C GLY D 140 -10.51 -11.85 -31.74
N ILE D 141 -11.46 -10.95 -31.98
CA ILE D 141 -12.86 -11.19 -31.65
C ILE D 141 -13.70 -10.92 -32.89
N VAL D 142 -14.65 -11.81 -33.16
CA VAL D 142 -15.59 -11.67 -34.27
C VAL D 142 -16.99 -11.93 -33.72
N GLU D 143 -17.86 -10.92 -33.83
CA GLU D 143 -19.22 -11.01 -33.32
C GLU D 143 -20.20 -10.92 -34.48
N PHE D 144 -20.91 -12.02 -34.74
CA PHE D 144 -21.92 -12.04 -35.79
C PHE D 144 -23.26 -11.54 -35.27
N SER D 145 -24.13 -11.18 -36.21
CA SER D 145 -25.49 -10.76 -35.84
C SER D 145 -26.35 -11.94 -35.46
N GLY D 146 -26.36 -12.99 -36.30
CA GLY D 146 -27.12 -14.18 -36.01
C GLY D 146 -26.28 -15.34 -35.56
N LYS D 147 -26.91 -16.37 -34.97
CA LYS D 147 -26.22 -17.54 -34.48
C LYS D 147 -25.84 -18.52 -35.60
N PRO D 148 -26.69 -18.74 -36.62
CA PRO D 148 -26.25 -19.61 -37.73
C PRO D 148 -24.98 -19.15 -38.41
N ALA D 149 -24.74 -17.83 -38.49
CA ALA D 149 -23.51 -17.34 -39.08
C ALA D 149 -22.29 -17.75 -38.26
N ALA D 150 -22.41 -17.70 -36.93
CA ALA D 150 -21.30 -18.14 -36.08
C ALA D 150 -21.10 -19.65 -36.18
N ARG D 151 -22.20 -20.41 -36.31
CA ARG D 151 -22.09 -21.86 -36.45
C ARG D 151 -21.43 -22.24 -37.76
N LYS D 152 -21.78 -21.54 -38.85
CA LYS D 152 -21.16 -21.83 -40.14
C LYS D 152 -19.70 -21.40 -40.15
N ALA D 153 -19.35 -20.36 -39.40
CA ALA D 153 -17.95 -19.94 -39.33
C ALA D 153 -17.10 -20.95 -38.58
N LEU D 154 -17.66 -21.57 -37.54
CA LEU D 154 -16.92 -22.58 -36.79
C LEU D 154 -16.73 -23.85 -37.61
N ASP D 155 -17.80 -24.34 -38.24
CA ASP D 155 -17.73 -25.59 -38.96
C ASP D 155 -16.82 -25.50 -40.17
N ARG D 156 -16.88 -24.38 -40.90
CA ARG D 156 -16.09 -24.27 -42.13
C ARG D 156 -14.62 -24.01 -41.83
N CYS D 157 -14.32 -23.15 -40.85
CA CYS D 157 -12.93 -22.88 -40.50
C CYS D 157 -12.26 -24.06 -39.80
N SER D 158 -13.05 -24.95 -39.18
CA SER D 158 -12.48 -26.16 -38.61
C SER D 158 -12.11 -27.19 -39.69
N GLU D 159 -12.79 -27.16 -40.83
CA GLU D 159 -12.50 -28.08 -41.93
C GLU D 159 -11.45 -27.48 -42.85
N GLY D 160 -11.80 -26.39 -43.54
CA GLY D 160 -10.87 -25.74 -44.45
C GLY D 160 -9.92 -24.80 -43.74
N SER D 161 -8.89 -24.39 -44.49
CA SER D 161 -7.86 -23.48 -43.98
C SER D 161 -8.22 -22.07 -44.43
N PHE D 162 -8.78 -21.28 -43.51
CA PHE D 162 -9.21 -19.92 -43.82
C PHE D 162 -8.01 -18.98 -43.66
N LEU D 163 -7.48 -18.51 -44.79
CA LEU D 163 -6.32 -17.63 -44.81
C LEU D 163 -6.78 -16.19 -44.95
N LEU D 164 -6.44 -15.35 -43.98
CA LEU D 164 -6.79 -13.94 -44.06
C LEU D 164 -5.83 -13.16 -44.95
N THR D 165 -4.57 -13.57 -44.99
CA THR D 165 -3.57 -12.90 -45.82
C THR D 165 -2.91 -13.89 -46.76
N THR D 166 -1.73 -13.55 -47.28
CA THR D 166 -1.03 -14.45 -48.19
C THR D 166 -0.28 -15.55 -47.44
N PHE D 167 0.13 -15.28 -46.20
CA PHE D 167 0.85 -16.27 -45.41
C PHE D 167 -0.03 -17.49 -45.18
N PRO D 168 0.35 -18.67 -45.70
CA PRO D 168 -0.56 -19.82 -45.65
C PRO D 168 -0.70 -20.44 -44.28
N ARG D 169 -1.02 -19.62 -43.27
CA ARG D 169 -1.29 -20.12 -41.92
C ARG D 169 -2.73 -19.81 -41.57
N PRO D 170 -3.62 -20.79 -41.54
CA PRO D 170 -5.03 -20.50 -41.26
C PRO D 170 -5.24 -20.06 -39.83
N VAL D 171 -6.36 -19.39 -39.60
CA VAL D 171 -6.72 -18.89 -38.29
C VAL D 171 -7.56 -19.93 -37.57
N THR D 172 -7.41 -19.99 -36.25
CA THR D 172 -8.20 -20.88 -35.41
C THR D 172 -9.40 -20.12 -34.87
N VAL D 173 -10.58 -20.71 -34.99
CA VAL D 173 -11.83 -20.08 -34.59
C VAL D 173 -12.45 -20.92 -33.49
N GLU D 174 -12.69 -20.31 -32.34
CA GLU D 174 -13.26 -20.95 -31.17
C GLU D 174 -14.40 -20.10 -30.65
N PRO D 175 -15.35 -20.70 -29.92
CA PRO D 175 -16.39 -19.90 -29.27
C PRO D 175 -15.80 -18.98 -28.21
N MET D 176 -16.37 -17.79 -28.10
CA MET D 176 -15.90 -16.81 -27.13
C MET D 176 -16.18 -17.30 -25.71
N ASP D 177 -15.12 -17.35 -24.89
CA ASP D 177 -15.25 -17.69 -23.48
C ASP D 177 -15.52 -16.40 -22.71
N GLN D 178 -16.81 -16.07 -22.57
CA GLN D 178 -17.19 -14.80 -21.97
C GLN D 178 -16.99 -14.84 -20.45
N LEU D 179 -16.24 -13.88 -19.94
CA LEU D 179 -15.95 -13.75 -18.52
C LEU D 179 -16.37 -12.38 -18.02
N ASP D 180 -16.89 -12.33 -16.80
CA ASP D 180 -17.34 -11.09 -16.18
C ASP D 180 -16.24 -10.57 -15.27
N ASP D 181 -15.56 -9.50 -15.71
CA ASP D 181 -14.55 -8.84 -14.90
C ASP D 181 -14.99 -7.45 -14.46
N GLU D 182 -16.28 -7.14 -14.56
CA GLU D 182 -16.81 -5.84 -14.15
C GLU D 182 -17.62 -5.96 -12.86
N GLU D 183 -18.67 -6.77 -12.87
CA GLU D 183 -19.49 -6.95 -11.68
C GLU D 183 -18.80 -7.86 -10.67
N GLY D 184 -18.28 -9.00 -11.14
CA GLY D 184 -17.56 -9.92 -10.29
C GLY D 184 -18.44 -10.79 -9.43
N LEU D 185 -18.05 -11.00 -8.18
CA LEU D 185 -18.79 -11.82 -7.23
C LEU D 185 -18.94 -11.03 -5.93
N PRO D 186 -19.99 -10.22 -5.81
CA PRO D 186 -20.16 -9.40 -4.60
C PRO D 186 -20.46 -10.27 -3.38
N GLU D 187 -20.24 -9.68 -2.20
CA GLU D 187 -20.54 -10.37 -0.95
C GLU D 187 -22.01 -10.72 -0.84
N LYS D 188 -22.88 -9.91 -1.43
CA LYS D 188 -24.32 -10.14 -1.31
C LYS D 188 -24.76 -11.41 -2.03
N LEU D 189 -23.98 -11.89 -2.99
CA LEU D 189 -24.34 -13.08 -3.75
C LEU D 189 -23.66 -14.35 -3.23
N VAL D 190 -22.72 -14.24 -2.30
CA VAL D 190 -22.06 -15.41 -1.74
C VAL D 190 -22.99 -16.05 -0.72
N ILE D 191 -23.19 -17.36 -0.84
CA ILE D 191 -24.07 -18.08 0.08
C ILE D 191 -23.41 -18.17 1.44
N LYS D 192 -24.10 -17.65 2.46
CA LYS D 192 -23.57 -17.67 3.83
C LYS D 192 -24.03 -18.95 4.53
N ASN D 193 -23.46 -20.05 4.09
CA ASN D 193 -23.79 -21.37 4.62
C ASN D 193 -22.73 -21.81 5.64
N GLN D 194 -22.60 -23.11 5.84
CA GLN D 194 -21.60 -23.62 6.78
C GLN D 194 -20.21 -23.64 6.16
N GLN D 195 -20.11 -23.96 4.87
CA GLN D 195 -18.82 -23.90 4.20
C GLN D 195 -18.29 -22.47 4.08
N PHE D 196 -19.18 -21.47 4.10
CA PHE D 196 -18.74 -20.08 4.10
C PHE D 196 -17.94 -19.77 5.36
N HIS D 197 -18.55 -19.99 6.53
CA HIS D 197 -17.85 -19.76 7.80
C HIS D 197 -16.68 -20.71 7.99
N LYS D 198 -16.68 -21.85 7.30
CA LYS D 198 -15.52 -22.74 7.34
C LYS D 198 -14.33 -22.11 6.66
N GLU D 199 -14.54 -21.47 5.51
CA GLU D 199 -13.45 -20.82 4.79
C GLU D 199 -13.05 -19.50 5.45
N ARG D 200 -14.03 -18.78 6.00
CA ARG D 200 -13.78 -17.47 6.60
C ARG D 200 -13.35 -17.56 8.07
N GLU D 201 -13.01 -18.75 8.55
CA GLU D 201 -12.59 -18.90 9.94
C GLU D 201 -11.30 -18.13 10.22
N GLN D 202 -10.39 -18.12 9.24
CA GLN D 202 -9.14 -17.40 9.36
C GLN D 202 -9.08 -16.24 8.36
N PRO D 203 -8.64 -15.07 8.78
CA PRO D 203 -8.61 -13.91 7.89
C PRO D 203 -7.46 -14.03 6.90
N PRO D 204 -7.42 -13.15 5.89
CA PRO D 204 -6.26 -13.12 5.00
C PRO D 204 -4.97 -12.90 5.77
N ARG D 205 -3.99 -13.77 5.53
CA ARG D 205 -2.76 -13.78 6.30
C ARG D 205 -1.66 -14.43 5.48
N PHE D 206 -0.44 -14.34 5.99
CA PHE D 206 0.71 -15.03 5.41
C PHE D 206 1.00 -16.28 6.22
N ALA D 207 1.18 -17.41 5.53
CA ALA D 207 1.47 -18.68 6.18
C ALA D 207 2.79 -18.61 6.93
N GLN D 208 2.72 -18.68 8.26
CA GLN D 208 3.94 -18.60 9.06
C GLN D 208 4.60 -19.99 9.15
N PRO D 209 5.94 -20.03 9.16
CA PRO D 209 6.62 -21.33 9.28
C PRO D 209 6.27 -22.02 10.59
N GLY D 210 5.94 -23.31 10.49
CA GLY D 210 5.53 -24.11 11.63
C GLY D 210 4.07 -24.48 11.61
N SER D 211 3.23 -23.66 10.97
CA SER D 211 1.82 -23.97 10.87
C SER D 211 1.60 -25.12 9.89
N PHE D 212 0.41 -25.74 9.99
CA PHE D 212 0.10 -26.85 9.11
C PHE D 212 -0.07 -26.41 7.67
N GLU D 213 -0.49 -25.15 7.46
CA GLU D 213 -0.74 -24.65 6.12
C GLU D 213 0.53 -24.21 5.41
N TYR D 214 1.60 -23.92 6.16
CA TYR D 214 2.86 -23.50 5.53
C TYR D 214 3.44 -24.62 4.68
N GLU D 215 3.38 -25.86 5.17
CA GLU D 215 3.95 -26.97 4.41
C GLU D 215 3.18 -27.24 3.13
N TYR D 216 1.85 -27.18 3.19
CA TYR D 216 1.04 -27.35 1.98
C TYR D 216 1.18 -26.17 1.04
N ALA D 217 1.44 -24.98 1.58
CA ALA D 217 1.64 -23.81 0.73
C ALA D 217 2.96 -23.91 -0.05
N MET D 218 4.01 -24.42 0.60
CA MET D 218 5.28 -24.59 -0.10
C MET D 218 5.21 -25.72 -1.12
N ARG D 219 4.43 -26.77 -0.85
CA ARG D 219 4.24 -27.81 -1.85
C ARG D 219 3.42 -27.30 -3.03
N TRP D 220 2.55 -26.32 -2.80
CA TRP D 220 1.80 -25.74 -3.91
C TRP D 220 2.69 -24.84 -4.76
N LYS D 221 3.53 -24.02 -4.12
CA LYS D 221 4.46 -23.19 -4.87
C LYS D 221 5.48 -24.04 -5.63
N ALA D 222 5.87 -25.19 -5.06
CA ALA D 222 6.74 -26.10 -5.79
C ALA D 222 6.04 -26.72 -6.98
N LEU D 223 4.74 -26.99 -6.85
CA LEU D 223 3.98 -27.52 -7.98
C LEU D 223 3.78 -26.48 -9.05
N ILE D 224 3.43 -25.24 -8.66
CA ILE D 224 3.30 -24.16 -9.62
C ILE D 224 4.62 -23.92 -10.35
N GLU D 225 5.73 -23.97 -9.62
CA GLU D 225 7.04 -23.81 -10.25
C GLU D 225 7.30 -24.92 -11.26
N MET D 226 6.87 -26.14 -10.95
CA MET D 226 7.05 -27.24 -11.90
C MET D 226 6.14 -27.10 -13.11
N GLU D 227 4.95 -26.49 -12.93
CA GLU D 227 4.07 -26.24 -14.06
C GLU D 227 4.74 -25.31 -15.08
N LYS D 228 5.52 -24.34 -14.60
CA LYS D 228 6.24 -23.46 -15.50
C LYS D 228 7.35 -24.19 -16.22
N GLN D 229 7.91 -25.24 -15.61
CA GLN D 229 9.00 -25.98 -16.24
C GLN D 229 8.52 -26.68 -17.51
N GLN D 230 7.40 -27.40 -17.42
CA GLN D 230 6.88 -28.10 -18.60
C GLN D 230 6.38 -27.10 -19.65
N GLN D 231 5.68 -26.05 -19.21
CA GLN D 231 5.14 -25.08 -20.15
C GLN D 231 6.25 -24.35 -20.90
N ASP D 232 7.38 -24.10 -20.24
CA ASP D 232 8.51 -23.47 -20.93
C ASP D 232 9.07 -24.40 -21.99
N GLN D 233 9.27 -25.68 -21.65
CA GLN D 233 9.82 -26.63 -22.61
C GLN D 233 8.84 -26.92 -23.73
N VAL D 234 7.54 -26.94 -23.43
CA VAL D 234 6.53 -27.10 -24.47
C VAL D 234 6.58 -25.92 -25.44
N ASP D 235 6.71 -24.71 -24.91
CA ASP D 235 6.83 -23.53 -25.77
C ASP D 235 8.09 -23.60 -26.62
N ARG D 236 9.19 -24.12 -26.05
CA ARG D 236 10.41 -24.28 -26.83
C ARG D 236 10.27 -25.39 -27.86
N ASN D 237 9.53 -26.46 -27.52
CA ASN D 237 9.27 -27.51 -28.51
C ASN D 237 8.33 -27.02 -29.61
N ILE D 238 7.38 -26.15 -29.27
CA ILE D 238 6.51 -25.57 -30.29
C ILE D 238 7.29 -24.55 -31.12
N LYS D 239 8.16 -23.78 -30.49
CA LYS D 239 8.98 -22.81 -31.21
C LYS D 239 9.89 -23.50 -32.21
N GLU D 240 10.60 -24.54 -31.77
CA GLU D 240 11.49 -25.28 -32.68
C GLU D 240 10.72 -26.00 -33.77
N ALA D 241 9.44 -26.32 -33.53
CA ALA D 241 8.64 -26.99 -34.55
C ALA D 241 8.22 -26.02 -35.65
N ARG D 242 7.78 -24.83 -35.28
CA ARG D 242 7.36 -23.85 -36.29
C ARG D 242 8.56 -23.26 -37.02
N GLU D 243 9.74 -23.25 -36.39
CA GLU D 243 10.93 -22.72 -37.05
C GLU D 243 11.37 -23.61 -38.20
N LYS D 244 11.27 -24.93 -38.03
CA LYS D 244 11.63 -25.85 -39.11
C LYS D 244 10.63 -25.79 -40.26
N LEU D 245 9.39 -25.41 -39.97
CA LEU D 245 8.41 -25.24 -41.05
C LEU D 245 8.66 -23.96 -41.83
N GLU D 246 9.16 -22.92 -41.17
CA GLU D 246 9.47 -21.66 -41.87
C GLU D 246 10.60 -21.87 -42.87
N MET D 247 11.66 -22.56 -42.47
CA MET D 247 12.77 -22.82 -43.38
C MET D 247 12.35 -23.73 -44.53
N GLU D 248 11.39 -24.64 -44.29
CA GLU D 248 10.93 -25.55 -45.32
C GLU D 248 10.03 -24.88 -46.35
N MET D 249 9.35 -23.79 -45.97
CA MET D 249 8.43 -23.14 -46.90
C MET D 249 9.19 -22.41 -48.00
N GLU D 250 10.14 -21.55 -47.63
CA GLU D 250 10.74 -20.62 -48.58
C GLU D 250 11.82 -21.31 -49.41
N ALA D 251 11.74 -22.64 -49.51
CA ALA D 251 12.62 -23.44 -50.33
C ALA D 251 11.87 -24.04 -51.52
N ALA D 252 10.81 -23.36 -51.97
CA ALA D 252 10.00 -23.84 -53.08
C ALA D 252 10.79 -23.84 -54.38
#